data_3AV0
#
_entry.id   3AV0
#
_cell.length_a   86.958
_cell.length_b   147.129
_cell.length_c   175.907
_cell.angle_alpha   90.00
_cell.angle_beta   90.00
_cell.angle_gamma   90.00
#
_symmetry.space_group_name_H-M   'C 2 2 21'
#
loop_
_entity.id
_entity.type
_entity.pdbx_description
1 polymer 'DNA double-strand break repair protein mre11'
2 polymer 'DNA double-strand break repair rad50 ATPase'
3 non-polymer GLYCEROL
4 non-polymer 'ISOPROPYL ALCOHOL'
5 non-polymer 'SULFATE ION'
6 non-polymer 'PHOSPHOTHIOPHOSPHORIC ACID-ADENYLATE ESTER'
7 non-polymer 'MAGNESIUM ION'
8 water water
#
loop_
_entity_poly.entity_id
_entity_poly.type
_entity_poly.pdbx_seq_one_letter_code
_entity_poly.pdbx_strand_id
1 'polypeptide(L)'
;MGSSHHHHHHSSGLVPRGSHMMFVHIADNHLGYRQYNLDDREKDIYDSFKLCIKKILEIKPDVVLHSGDLFNDLRPPVKA
LRIAMQAFKKLHENNIKVYIVAGNHEMPRRLGEESPLALLKDYVKILDGKDVINVNGEEIFICGTYYHKKSKREEMLDKL
KNFESEAKNYKKKILMLHQGINPYIPLDYELEHFDLPKFSYYALGHIHKRILERFNDGILAYSGSTEIIYRNEYEDYKKE
GKGFYLVDFSGNDLDISDIEKIDIECREFVEVNIKDKKSFNEAVNKIERCKNKPVVFGKIKREFKPWFDTLKDKILINKA
IIVDDEFIDMPDNVDIESLNIKELLVDYANRQGIDGDLVLSLYKALLNNENWKELLDEYYNTKFRG
;
A
2 'polypeptide(L)'
;MSMILKEIRMNNFKSHVNSRIKFEKGIVAIIGENGSGKSSIFEAVFFALFGAGSNFNYDTIITKGKKSVYVELDFEVNGN
NYKIIREYDSGRGGAKLYKNGKPYATTISAVNKAVNEILGVDRNMFLNSIYIKQGEIAKFLSLKPSEKLETVAKLLGIDE
FEKCYQKMGEIVKEYEKRLERIEGELNYKEESLKARLKEMSNLEKEKEKLTKFVEYLDKVRRIFGRNGFQAYLREKYVPL
IQKYLNEAFSEFDLPYSFVELTKDFEVRVHAPNGVLTIDNLSGGEQIAVALSLRLAIANALIGNRVECIILDEPTVYLDE
NRRAKLAEIFRKVKSIPQMIIITHHRELEDVADVIINVKKDGNVSKVKING
;
B
#
loop_
_chem_comp.id
_chem_comp.type
_chem_comp.name
_chem_comp.formula
AGS non-polymer 'PHOSPHOTHIOPHOSPHORIC ACID-ADENYLATE ESTER' 'C10 H16 N5 O12 P3 S'
GOL non-polymer GLYCEROL 'C3 H8 O3'
IPA non-polymer 'ISOPROPYL ALCOHOL' 'C3 H8 O'
MG non-polymer 'MAGNESIUM ION' 'Mg 2'
SO4 non-polymer 'SULFATE ION' 'O4 S -2'
#
# COMPACT_ATOMS: atom_id res chain seq x y z
N GLY A 18 -19.95 13.88 -50.78
CA GLY A 18 -19.33 15.03 -50.13
C GLY A 18 -19.33 14.98 -48.61
N SER A 19 -18.58 15.90 -48.00
CA SER A 19 -18.40 16.00 -46.53
C SER A 19 -18.21 14.66 -45.77
N HIS A 20 -16.96 14.25 -45.57
CA HIS A 20 -16.65 12.95 -44.94
C HIS A 20 -15.35 12.94 -44.09
N MET A 21 -15.52 12.87 -42.77
CA MET A 21 -14.41 12.99 -41.81
C MET A 21 -14.41 11.91 -40.71
N MET A 22 -13.49 10.95 -40.79
CA MET A 22 -13.46 9.86 -39.82
C MET A 22 -12.12 9.65 -39.13
N PHE A 23 -12.16 9.56 -37.80
CA PHE A 23 -10.94 9.31 -37.02
C PHE A 23 -11.02 8.06 -36.16
N VAL A 24 -9.84 7.54 -35.85
CA VAL A 24 -9.66 6.35 -35.05
C VAL A 24 -9.10 6.68 -33.69
N HIS A 25 -9.85 6.39 -32.63
CA HIS A 25 -9.39 6.65 -31.25
C HIS A 25 -8.81 5.37 -30.61
N ILE A 26 -7.55 5.47 -30.17
CA ILE A 26 -6.86 4.29 -29.70
C ILE A 26 -6.02 4.62 -28.47
N ALA A 27 -5.80 3.63 -27.61
CA ALA A 27 -5.16 3.89 -26.34
C ALA A 27 -4.41 2.68 -25.74
N ASP A 28 -3.57 2.94 -24.74
CA ASP A 28 -2.97 1.89 -23.92
C ASP A 28 -2.51 0.69 -24.70
N ASN A 29 -1.42 0.81 -25.43
CA ASN A 29 -0.88 -0.33 -26.16
C ASN A 29 0.12 -1.08 -25.31
N HIS A 30 0.81 -0.32 -24.46
CA HIS A 30 1.80 -0.82 -23.50
C HIS A 30 2.92 -1.54 -24.19
N LEU A 31 3.30 -1.07 -25.37
CA LEU A 31 4.39 -1.74 -26.07
C LEU A 31 5.59 -2.00 -25.14
N GLY A 32 6.17 -3.19 -25.25
CA GLY A 32 7.38 -3.51 -24.51
C GLY A 32 7.15 -4.32 -23.25
N TYR A 33 5.91 -4.32 -22.75
CA TYR A 33 5.50 -5.17 -21.63
C TYR A 33 5.80 -6.62 -21.92
N ARG A 34 6.40 -7.30 -20.96
CA ARG A 34 6.77 -8.69 -21.13
C ARG A 34 6.21 -9.49 -19.95
N GLN A 35 4.90 -9.70 -19.96
CA GLN A 35 4.17 -10.36 -18.87
C GLN A 35 4.77 -11.72 -18.46
N TYR A 36 4.61 -12.09 -17.19
CA TYR A 36 5.29 -13.28 -16.63
C TYR A 36 6.67 -13.59 -17.24
N ASN A 37 7.44 -12.56 -17.56
CA ASN A 37 8.81 -12.71 -18.06
C ASN A 37 8.86 -13.60 -19.29
N LEU A 38 7.79 -13.54 -20.08
CA LEU A 38 7.57 -14.48 -21.18
C LEU A 38 7.77 -13.92 -22.57
N ASP A 39 8.81 -14.42 -23.24
CA ASP A 39 9.15 -13.99 -24.61
C ASP A 39 7.91 -13.91 -25.49
N ASP A 40 7.04 -14.91 -25.38
CA ASP A 40 5.81 -14.93 -26.15
C ASP A 40 4.90 -13.73 -25.90
N ARG A 41 4.42 -13.57 -24.66
CA ARG A 41 3.56 -12.44 -24.30
C ARG A 41 4.13 -11.08 -24.72
N GLU A 42 5.45 -10.98 -24.80
CA GLU A 42 6.05 -9.77 -25.32
C GLU A 42 5.60 -9.64 -26.76
N LYS A 43 5.88 -10.68 -27.56
CA LYS A 43 5.48 -10.68 -28.97
C LYS A 43 3.97 -10.48 -29.11
N ASP A 44 3.19 -11.05 -28.21
CA ASP A 44 1.74 -10.87 -28.28
C ASP A 44 1.38 -9.39 -28.26
N ILE A 45 2.02 -8.63 -27.37
CA ILE A 45 1.70 -7.21 -27.26
C ILE A 45 2.12 -6.48 -28.52
N TYR A 46 3.26 -6.86 -29.09
CA TYR A 46 3.71 -6.15 -30.28
C TYR A 46 2.80 -6.49 -31.44
N ASP A 47 2.39 -7.76 -31.51
CA ASP A 47 1.53 -8.21 -32.59
C ASP A 47 0.18 -7.50 -32.55
N SER A 48 -0.46 -7.45 -31.38
CA SER A 48 -1.80 -6.87 -31.33
C SER A 48 -1.79 -5.39 -31.65
N PHE A 49 -0.61 -4.83 -31.83
CA PHE A 49 -0.48 -3.40 -32.01
C PHE A 49 -0.28 -3.19 -33.48
N LYS A 50 0.63 -4.01 -34.01
CA LYS A 50 0.97 -4.02 -35.42
C LYS A 50 -0.32 -4.24 -36.22
N LEU A 51 -1.19 -5.12 -35.69
CA LEU A 51 -2.51 -5.38 -36.22
C LEU A 51 -3.35 -4.11 -36.28
N CYS A 52 -3.36 -3.39 -35.18
CA CYS A 52 -4.12 -2.16 -35.12
C CYS A 52 -3.59 -1.18 -36.15
N ILE A 53 -2.28 -1.02 -36.19
CA ILE A 53 -1.71 -0.05 -37.10
C ILE A 53 -2.13 -0.42 -38.52
N LYS A 54 -2.03 -1.71 -38.83
CA LYS A 54 -2.51 -2.27 -40.10
C LYS A 54 -3.97 -1.92 -40.42
N LYS A 55 -4.91 -2.53 -39.70
CA LYS A 55 -6.33 -2.16 -39.77
C LYS A 55 -6.55 -0.64 -39.92
N ILE A 56 -5.77 0.17 -39.20
CA ILE A 56 -5.96 1.62 -39.22
C ILE A 56 -5.35 2.19 -40.47
N LEU A 57 -4.41 1.46 -41.01
CA LEU A 57 -3.73 1.93 -42.20
C LEU A 57 -4.67 1.54 -43.34
N GLU A 58 -5.38 0.43 -43.14
CA GLU A 58 -6.38 -0.07 -44.09
C GLU A 58 -7.69 0.71 -44.06
N ILE A 59 -7.81 1.66 -43.14
CA ILE A 59 -9.04 2.46 -43.05
C ILE A 59 -8.71 3.90 -43.40
N LYS A 60 -7.44 4.17 -43.68
CA LYS A 60 -6.96 5.53 -43.92
C LYS A 60 -7.84 6.62 -43.27
N PRO A 61 -8.18 6.46 -41.98
CA PRO A 61 -9.03 7.45 -41.32
C PRO A 61 -8.36 8.82 -41.42
N ASP A 62 -9.12 9.87 -41.22
CA ASP A 62 -8.57 11.21 -41.42
C ASP A 62 -7.63 11.57 -40.26
N VAL A 63 -7.99 11.10 -39.08
CA VAL A 63 -7.21 11.42 -37.88
C VAL A 63 -7.15 10.24 -36.92
N VAL A 64 -6.01 10.09 -36.25
CA VAL A 64 -5.87 9.10 -35.18
C VAL A 64 -5.67 9.78 -33.84
N LEU A 65 -6.56 9.49 -32.90
CA LEU A 65 -6.42 9.97 -31.53
C LEU A 65 -5.80 8.91 -30.62
N HIS A 66 -4.58 9.17 -30.14
CA HIS A 66 -3.95 8.24 -29.19
C HIS A 66 -3.99 8.80 -27.79
N SER A 67 -4.74 8.12 -26.93
CA SER A 67 -4.95 8.57 -25.55
C SER A 67 -3.89 8.15 -24.52
N GLY A 68 -2.77 7.58 -24.95
CA GLY A 68 -1.61 7.51 -24.08
C GLY A 68 -1.14 6.12 -23.70
N ASP A 69 0.05 6.05 -23.13
CA ASP A 69 0.56 4.76 -22.77
C ASP A 69 0.70 3.92 -24.02
N LEU A 70 1.37 4.49 -25.01
CA LEU A 70 1.76 3.76 -26.20
C LEU A 70 2.81 2.78 -25.75
N PHE A 71 3.82 3.25 -25.02
CA PHE A 71 4.82 2.39 -24.36
C PHE A 71 4.48 1.93 -22.91
N ASN A 72 5.24 0.95 -22.41
CA ASN A 72 5.12 0.46 -21.02
C ASN A 72 5.95 1.23 -19.97
N ASP A 73 7.26 1.33 -20.19
CA ASP A 73 8.14 2.04 -19.29
C ASP A 73 8.49 3.43 -19.87
N LEU A 74 9.38 4.15 -19.19
CA LEU A 74 9.88 5.44 -19.64
C LEU A 74 11.18 5.23 -20.40
N ARG A 75 11.79 4.06 -20.21
CA ARG A 75 12.92 3.67 -21.04
C ARG A 75 12.60 2.33 -21.68
N PRO A 76 11.62 2.34 -22.60
CA PRO A 76 11.21 1.16 -23.35
C PRO A 76 12.40 0.62 -24.14
N PRO A 77 12.37 -0.68 -24.46
CA PRO A 77 13.48 -1.34 -25.17
C PRO A 77 13.62 -0.94 -26.64
N VAL A 78 14.85 -0.97 -27.15
CA VAL A 78 15.09 -0.56 -28.54
C VAL A 78 13.98 -1.06 -29.42
N LYS A 79 13.69 -2.35 -29.34
CA LYS A 79 12.77 -3.00 -30.28
C LYS A 79 11.37 -2.43 -30.20
N ALA A 80 10.89 -2.13 -29.00
CA ALA A 80 9.58 -1.51 -28.89
C ALA A 80 9.59 -0.12 -29.51
N LEU A 81 10.65 0.62 -29.24
CA LEU A 81 10.83 1.93 -29.83
C LEU A 81 10.77 1.85 -31.35
N ARG A 82 11.40 0.81 -31.91
CA ARG A 82 11.41 0.59 -33.36
C ARG A 82 10.03 0.28 -33.86
N ILE A 83 9.49 -0.83 -33.39
CA ILE A 83 8.15 -1.27 -33.74
C ILE A 83 7.14 -0.12 -33.75
N ALA A 84 7.40 0.92 -32.98
CA ALA A 84 6.53 2.08 -32.95
C ALA A 84 6.95 3.02 -34.04
N MET A 85 8.21 3.45 -33.97
CA MET A 85 8.65 4.41 -34.96
C MET A 85 8.29 3.95 -36.37
N GLN A 86 8.26 2.65 -36.59
CA GLN A 86 7.88 2.15 -37.90
C GLN A 86 6.39 2.43 -38.13
N ALA A 87 5.54 1.82 -37.31
CA ALA A 87 4.08 2.02 -37.43
C ALA A 87 3.67 3.49 -37.52
N PHE A 88 4.32 4.36 -36.77
CA PHE A 88 3.91 5.74 -36.82
C PHE A 88 4.45 6.40 -38.09
N LYS A 89 5.52 5.82 -38.64
CA LYS A 89 6.08 6.31 -39.88
C LYS A 89 5.03 6.20 -40.97
N LYS A 90 4.61 4.96 -41.23
CA LYS A 90 3.48 4.71 -42.12
C LYS A 90 2.37 5.71 -41.86
N LEU A 91 1.78 5.69 -40.67
CA LEU A 91 0.69 6.61 -40.38
C LEU A 91 0.82 7.99 -41.06
N HIS A 92 1.98 8.62 -40.91
CA HIS A 92 2.14 9.96 -41.45
C HIS A 92 2.66 9.95 -42.90
N GLU A 93 3.26 8.83 -43.33
CA GLU A 93 3.58 8.60 -44.74
C GLU A 93 2.29 8.50 -45.59
N ASN A 94 1.27 7.84 -45.09
CA ASN A 94 -0.01 7.81 -45.80
C ASN A 94 -0.86 8.99 -45.39
N ASN A 95 -0.23 10.13 -45.10
CA ASN A 95 -0.98 11.34 -44.78
C ASN A 95 -2.14 11.08 -43.79
N ILE A 96 -1.82 10.55 -42.61
CA ILE A 96 -2.78 10.47 -41.49
C ILE A 96 -2.29 11.33 -40.34
N LYS A 97 -3.17 12.12 -39.76
CA LYS A 97 -2.76 12.99 -38.69
C LYS A 97 -2.99 12.25 -37.38
N VAL A 98 -2.06 12.39 -36.44
CA VAL A 98 -2.11 11.59 -35.23
C VAL A 98 -1.84 12.44 -34.04
N TYR A 99 -2.72 12.37 -33.04
CA TYR A 99 -2.57 13.14 -31.83
C TYR A 99 -2.33 12.20 -30.66
N ILE A 100 -1.41 12.55 -29.77
CA ILE A 100 -1.23 11.74 -28.57
C ILE A 100 -0.87 12.53 -27.33
N VAL A 101 -1.56 12.21 -26.23
CA VAL A 101 -1.17 12.66 -24.88
C VAL A 101 -0.35 11.56 -24.18
N ALA A 102 0.75 11.94 -23.55
CA ALA A 102 1.58 10.97 -22.85
C ALA A 102 0.87 10.48 -21.60
N GLY A 103 0.92 9.19 -21.36
CA GLY A 103 0.29 8.62 -20.19
C GLY A 103 1.26 8.59 -19.02
N ASN A 104 0.87 7.90 -17.94
CA ASN A 104 1.70 7.88 -16.76
C ASN A 104 3.08 7.29 -17.04
N HIS A 105 3.11 6.28 -17.90
CA HIS A 105 4.32 5.56 -18.29
C HIS A 105 5.29 6.33 -19.19
N GLU A 106 4.97 7.57 -19.49
CA GLU A 106 5.63 8.26 -20.59
C GLU A 106 5.92 9.67 -20.18
N MET A 107 5.71 9.98 -18.91
CA MET A 107 5.98 11.32 -18.44
C MET A 107 7.28 11.31 -17.66
N PRO A 108 8.31 11.97 -18.19
CA PRO A 108 9.63 11.82 -17.58
C PRO A 108 9.66 12.43 -16.18
N ARG A 109 10.35 11.77 -15.26
CA ARG A 109 10.33 12.18 -13.85
C ARG A 109 11.57 12.98 -13.44
N ARG A 110 12.66 12.83 -14.17
CA ARG A 110 13.77 13.74 -13.95
C ARG A 110 14.06 14.59 -15.19
N LEU A 111 13.12 15.47 -15.54
CA LEU A 111 13.30 16.39 -16.67
C LEU A 111 14.77 16.69 -16.94
N GLY A 112 15.11 16.74 -18.22
CA GLY A 112 16.49 16.58 -18.67
C GLY A 112 16.56 15.24 -19.38
N GLU A 113 15.69 14.33 -18.98
CA GLU A 113 15.51 13.12 -19.74
C GLU A 113 14.16 13.24 -20.43
N GLU A 114 14.10 12.75 -21.66
CA GLU A 114 12.95 12.98 -22.51
C GLU A 114 12.05 11.76 -22.60
N SER A 115 10.74 12.00 -22.61
CA SER A 115 9.79 10.90 -22.78
C SER A 115 10.04 10.12 -24.07
N PRO A 116 9.58 8.85 -24.12
CA PRO A 116 9.89 8.13 -25.36
C PRO A 116 9.09 8.70 -26.52
N LEU A 117 7.89 9.20 -26.25
CA LEU A 117 7.13 9.89 -27.28
C LEU A 117 7.94 10.86 -28.16
N ALA A 118 8.91 11.57 -27.59
CA ALA A 118 9.81 12.44 -28.36
C ALA A 118 10.41 11.78 -29.59
N LEU A 119 10.50 10.45 -29.57
CA LEU A 119 11.11 9.71 -30.66
C LEU A 119 10.14 9.54 -31.80
N LEU A 120 8.95 10.11 -31.66
CA LEU A 120 7.91 10.05 -32.70
C LEU A 120 7.45 11.46 -33.10
N LYS A 121 8.31 12.46 -32.92
CA LYS A 121 7.90 13.87 -32.95
C LYS A 121 7.49 14.38 -34.35
N ASP A 122 8.12 13.85 -35.39
CA ASP A 122 7.66 14.11 -36.76
C ASP A 122 6.81 12.96 -37.34
N TYR A 123 5.73 12.62 -36.66
CA TYR A 123 4.88 11.54 -37.10
C TYR A 123 3.60 11.81 -36.36
N VAL A 124 3.73 12.66 -35.36
CA VAL A 124 2.69 12.81 -34.35
C VAL A 124 2.77 14.16 -33.63
N LYS A 125 1.64 14.65 -33.16
CA LYS A 125 1.64 15.85 -32.35
C LYS A 125 1.33 15.53 -30.90
N ILE A 126 2.21 15.96 -30.01
CA ILE A 126 2.08 15.67 -28.59
C ILE A 126 1.33 16.82 -27.90
N LEU A 127 0.08 16.54 -27.57
CA LEU A 127 -0.83 17.53 -27.00
C LEU A 127 -0.61 17.89 -25.53
N ASP A 128 -0.50 19.19 -25.30
CA ASP A 128 -0.56 19.77 -23.97
C ASP A 128 -0.95 21.21 -24.23
N GLY A 129 -2.05 21.37 -24.97
CA GLY A 129 -2.55 22.69 -25.32
C GLY A 129 -3.78 22.69 -26.22
N LYS A 130 -3.85 23.68 -27.10
CA LYS A 130 -4.98 23.84 -28.03
C LYS A 130 -4.54 23.58 -29.46
N ASP A 131 -5.46 23.09 -30.27
CA ASP A 131 -5.23 23.03 -31.71
C ASP A 131 -6.45 22.65 -32.56
N VAL A 132 -6.45 23.16 -33.80
CA VAL A 132 -7.58 23.03 -34.72
C VAL A 132 -7.20 22.34 -36.03
N ILE A 133 -8.03 21.40 -36.44
CA ILE A 133 -7.78 20.64 -37.65
C ILE A 133 -8.89 20.86 -38.67
N ASN A 134 -8.49 21.07 -39.92
CA ASN A 134 -9.44 21.20 -41.01
C ASN A 134 -9.69 19.87 -41.69
N VAL A 135 -10.94 19.43 -41.70
CA VAL A 135 -11.33 18.33 -42.56
C VAL A 135 -12.61 18.77 -43.23
N ASN A 136 -12.61 18.74 -44.56
CA ASN A 136 -13.74 19.23 -45.33
C ASN A 136 -14.06 20.67 -44.98
N GLY A 137 -13.04 21.52 -45.03
CA GLY A 137 -13.21 22.93 -44.76
C GLY A 137 -13.81 23.23 -43.39
N GLU A 138 -14.62 22.30 -42.90
CA GLU A 138 -15.19 22.41 -41.57
C GLU A 138 -14.04 22.38 -40.57
N GLU A 139 -14.16 23.21 -39.54
CA GLU A 139 -13.10 23.36 -38.58
C GLU A 139 -13.47 22.67 -37.26
N ILE A 140 -12.61 21.78 -36.77
CA ILE A 140 -12.81 21.11 -35.47
C ILE A 140 -11.74 21.48 -34.46
N PHE A 141 -12.06 21.32 -33.17
CA PHE A 141 -11.20 21.77 -32.08
C PHE A 141 -10.67 20.63 -31.20
N ILE A 142 -9.37 20.64 -30.91
CA ILE A 142 -8.82 19.60 -30.06
C ILE A 142 -8.01 20.16 -28.90
N CYS A 143 -8.20 19.58 -27.73
CA CYS A 143 -7.31 19.86 -26.62
C CYS A 143 -7.06 18.59 -25.86
N GLY A 144 -5.90 18.50 -25.23
CA GLY A 144 -5.55 17.39 -24.37
C GLY A 144 -4.34 17.74 -23.55
N THR A 145 -3.98 16.88 -22.61
CA THR A 145 -2.76 17.07 -21.84
C THR A 145 -2.39 15.76 -21.15
N TYR A 146 -1.14 15.67 -20.71
CA TYR A 146 -0.59 14.42 -20.22
C TYR A 146 -1.16 13.97 -18.88
N TYR A 147 -0.63 12.85 -18.39
CA TYR A 147 -1.03 12.29 -17.11
C TYR A 147 -0.60 13.18 -16.00
N HIS A 148 -1.55 13.56 -15.17
CA HIS A 148 -1.23 14.33 -13.99
C HIS A 148 -1.50 13.49 -12.75
N LYS A 149 -0.56 13.45 -11.81
CA LYS A 149 -0.83 12.71 -10.60
C LYS A 149 -2.06 13.35 -9.98
N LYS A 150 -2.62 12.73 -8.94
CA LYS A 150 -3.71 13.38 -8.24
C LYS A 150 -3.20 14.53 -7.41
N SER A 151 -1.96 14.40 -6.92
CA SER A 151 -1.26 15.48 -6.21
C SER A 151 -1.53 16.81 -6.91
N LYS A 152 -1.09 16.92 -8.17
CA LYS A 152 -1.24 18.15 -8.93
C LYS A 152 -2.56 18.23 -9.67
N ARG A 153 -3.57 17.56 -9.13
CA ARG A 153 -4.93 17.59 -9.66
C ARG A 153 -5.55 18.97 -9.81
N GLU A 154 -5.09 19.93 -9.02
CA GLU A 154 -5.68 21.26 -9.06
C GLU A 154 -5.27 22.02 -10.32
N GLU A 155 -3.96 22.21 -10.49
CA GLU A 155 -3.42 22.91 -11.65
C GLU A 155 -4.08 22.37 -12.93
N MET A 156 -4.71 21.21 -12.81
CA MET A 156 -5.40 20.59 -13.93
C MET A 156 -6.68 21.32 -14.26
N LEU A 157 -7.54 21.50 -13.25
CA LEU A 157 -8.78 22.24 -13.46
C LEU A 157 -8.53 23.52 -14.25
N ASP A 158 -7.45 24.22 -13.87
CA ASP A 158 -6.95 25.38 -14.62
C ASP A 158 -6.91 25.04 -16.11
N LYS A 159 -6.12 24.02 -16.43
CA LYS A 159 -5.94 23.59 -17.82
C LYS A 159 -7.26 23.41 -18.56
N LEU A 160 -8.19 22.67 -17.94
CA LEU A 160 -9.48 22.40 -18.55
C LEU A 160 -10.33 23.67 -18.66
N LYS A 161 -9.98 24.70 -17.90
CA LYS A 161 -10.68 25.99 -17.98
C LYS A 161 -10.34 26.69 -19.29
N ASN A 162 -9.06 26.98 -19.51
CA ASN A 162 -8.67 27.49 -20.81
C ASN A 162 -9.37 26.63 -21.83
N PHE A 163 -9.09 25.34 -21.76
CA PHE A 163 -9.65 24.42 -22.72
C PHE A 163 -11.12 24.74 -22.97
N GLU A 164 -11.88 24.84 -21.89
CA GLU A 164 -13.30 25.13 -22.02
C GLU A 164 -13.52 26.45 -22.74
N SER A 165 -12.85 27.49 -22.25
CA SER A 165 -12.93 28.82 -22.82
C SER A 165 -12.51 28.82 -24.28
N GLU A 166 -11.25 28.48 -24.52
CA GLU A 166 -10.72 28.48 -25.87
C GLU A 166 -11.63 27.68 -26.82
N ALA A 167 -12.45 26.80 -26.27
CA ALA A 167 -13.27 25.90 -27.08
C ALA A 167 -14.70 26.34 -27.32
N LYS A 168 -15.22 27.24 -26.49
CA LYS A 168 -16.60 27.70 -26.62
C LYS A 168 -16.85 28.13 -28.06
N ASN A 169 -15.86 28.80 -28.65
CA ASN A 169 -15.92 29.37 -29.99
C ASN A 169 -16.30 28.41 -31.15
N TYR A 170 -15.99 27.12 -31.01
CA TYR A 170 -16.21 26.16 -32.09
C TYR A 170 -17.33 25.17 -31.78
N LYS A 171 -18.06 24.78 -32.83
CA LYS A 171 -19.16 23.83 -32.71
C LYS A 171 -18.66 22.47 -32.22
N LYS A 172 -17.74 21.86 -32.98
CA LYS A 172 -17.25 20.53 -32.69
C LYS A 172 -15.92 20.56 -31.93
N LYS A 173 -15.89 19.85 -30.80
CA LYS A 173 -14.74 19.86 -29.89
C LYS A 173 -14.39 18.44 -29.41
N ILE A 174 -13.10 18.18 -29.20
CA ILE A 174 -12.66 16.88 -28.68
C ILE A 174 -11.64 17.03 -27.56
N LEU A 175 -11.81 16.22 -26.52
CA LEU A 175 -10.94 16.25 -25.35
C LEU A 175 -10.13 14.96 -25.25
N MET A 176 -8.83 15.11 -25.07
CA MET A 176 -7.95 13.96 -24.90
C MET A 176 -7.26 14.04 -23.54
N LEU A 177 -7.41 13.00 -22.75
CA LEU A 177 -6.79 12.93 -21.43
C LEU A 177 -6.45 11.48 -21.11
N HIS A 178 -5.45 11.30 -20.25
CA HIS A 178 -5.07 9.96 -19.86
C HIS A 178 -5.38 9.65 -18.41
N GLN A 179 -6.14 10.49 -17.71
CA GLN A 179 -6.40 10.27 -16.30
C GLN A 179 -7.46 9.21 -16.08
N GLY A 180 -7.72 8.86 -14.82
CA GLY A 180 -8.85 8.02 -14.46
C GLY A 180 -9.92 8.92 -13.86
N ILE A 181 -11.20 8.68 -14.18
CA ILE A 181 -12.28 9.58 -13.72
C ILE A 181 -13.36 8.89 -12.87
N ASN A 182 -13.93 9.63 -11.91
CA ASN A 182 -14.64 9.03 -10.78
C ASN A 182 -15.62 7.89 -11.08
N PRO A 183 -16.62 8.14 -11.92
CA PRO A 183 -17.60 7.06 -11.93
C PRO A 183 -17.06 5.86 -12.68
N TYR A 184 -15.98 6.03 -13.44
CA TYR A 184 -15.53 5.01 -14.42
C TYR A 184 -14.46 4.04 -13.93
N ILE A 185 -13.44 4.54 -13.23
CA ILE A 185 -12.72 3.69 -12.26
C ILE A 185 -13.12 4.16 -10.88
N PRO A 186 -13.80 3.29 -10.13
CA PRO A 186 -14.36 3.64 -8.82
C PRO A 186 -13.26 3.68 -7.76
N LEU A 187 -12.16 2.99 -8.03
CA LEU A 187 -11.05 2.85 -7.09
C LEU A 187 -10.08 4.05 -7.09
N ASP A 188 -9.02 3.92 -7.89
CA ASP A 188 -7.95 4.91 -7.99
C ASP A 188 -8.26 5.87 -9.15
N TYR A 189 -8.55 7.13 -8.85
CA TYR A 189 -8.82 8.11 -9.89
C TYR A 189 -8.24 9.46 -9.57
N GLU A 190 -7.96 10.25 -10.60
CA GLU A 190 -7.43 11.59 -10.38
C GLU A 190 -8.29 12.72 -10.96
N LEU A 191 -9.59 12.46 -11.12
CA LEU A 191 -10.55 13.43 -11.67
C LEU A 191 -11.94 12.88 -11.50
N GLU A 192 -12.95 13.73 -11.43
CA GLU A 192 -14.30 13.23 -11.21
C GLU A 192 -15.22 13.61 -12.36
N HIS A 193 -16.36 12.93 -12.48
CA HIS A 193 -17.30 13.25 -13.55
C HIS A 193 -17.53 14.76 -13.75
N PHE A 194 -18.20 15.42 -12.82
CA PHE A 194 -18.49 16.85 -12.96
C PHE A 194 -17.23 17.68 -13.22
N ASP A 195 -16.10 17.04 -12.99
CA ASP A 195 -14.83 17.72 -12.99
C ASP A 195 -14.34 18.11 -14.35
N LEU A 196 -15.20 17.97 -15.36
CA LEU A 196 -14.80 18.32 -16.72
C LEU A 196 -15.93 18.90 -17.58
N PRO A 197 -15.57 19.87 -18.44
CA PRO A 197 -16.40 20.70 -19.31
C PRO A 197 -17.04 19.95 -20.47
N LYS A 198 -17.98 20.62 -21.16
CA LYS A 198 -18.78 19.97 -22.20
C LYS A 198 -18.05 19.89 -23.54
N PHE A 199 -17.82 18.65 -24.01
CA PHE A 199 -17.18 18.43 -25.30
C PHE A 199 -18.04 17.48 -26.13
N SER A 200 -17.50 17.08 -27.28
CA SER A 200 -18.27 16.34 -28.25
C SER A 200 -17.84 14.89 -28.19
N TYR A 201 -16.57 14.69 -27.91
CA TYR A 201 -16.04 13.35 -27.74
C TYR A 201 -14.89 13.43 -26.77
N TYR A 202 -14.82 12.44 -25.89
CA TYR A 202 -13.74 12.38 -24.93
C TYR A 202 -12.93 11.15 -25.23
N ALA A 203 -11.77 11.34 -25.84
CA ALA A 203 -10.90 10.21 -26.14
C ALA A 203 -10.00 9.94 -24.94
N LEU A 204 -10.35 8.93 -24.14
CA LEU A 204 -9.68 8.74 -22.87
C LEU A 204 -8.75 7.54 -22.84
N GLY A 205 -7.80 7.58 -21.90
CA GLY A 205 -6.86 6.50 -21.71
C GLY A 205 -6.75 6.21 -20.23
N HIS A 206 -6.28 5.01 -19.90
CA HIS A 206 -5.91 4.59 -18.54
C HIS A 206 -6.77 3.43 -18.03
N ILE A 207 -8.08 3.50 -18.27
CA ILE A 207 -8.91 2.34 -18.05
C ILE A 207 -8.61 1.36 -19.19
N HIS A 208 -8.53 0.08 -18.86
CA HIS A 208 -8.16 -0.95 -19.82
C HIS A 208 -9.34 -1.67 -20.42
N LYS A 209 -10.46 -1.63 -19.71
CA LYS A 209 -11.68 -2.21 -20.24
C LYS A 209 -12.26 -1.13 -21.13
N ARG A 210 -12.99 -1.55 -22.15
CA ARG A 210 -13.58 -0.60 -23.07
C ARG A 210 -14.69 0.17 -22.37
N ILE A 211 -14.82 1.44 -22.71
CA ILE A 211 -15.92 2.24 -22.16
C ILE A 211 -16.43 3.27 -23.15
N LEU A 212 -17.74 3.26 -23.33
CA LEU A 212 -18.39 4.09 -24.34
C LEU A 212 -19.80 4.43 -23.91
N GLU A 213 -20.08 5.71 -23.70
CA GLU A 213 -21.39 6.12 -23.19
C GLU A 213 -21.65 7.63 -23.30
N ARG A 214 -22.93 8.00 -23.36
CA ARG A 214 -23.29 9.42 -23.45
C ARG A 214 -22.68 10.17 -22.28
N PHE A 215 -22.68 11.49 -22.38
CA PHE A 215 -22.16 12.35 -21.33
C PHE A 215 -22.15 13.81 -21.77
N ASN A 216 -22.76 14.68 -20.96
CA ASN A 216 -22.71 16.11 -21.22
C ASN A 216 -22.90 16.47 -22.70
N ASP A 217 -24.01 16.00 -23.28
CA ASP A 217 -24.24 16.10 -24.73
C ASP A 217 -22.98 15.83 -25.56
N GLY A 218 -22.65 14.55 -25.67
CA GLY A 218 -21.48 14.08 -26.40
C GLY A 218 -21.14 12.66 -25.97
N ILE A 219 -20.28 11.98 -26.72
CA ILE A 219 -19.87 10.62 -26.35
C ILE A 219 -18.49 10.56 -25.66
N LEU A 220 -18.42 9.88 -24.51
CA LEU A 220 -17.17 9.69 -23.79
C LEU A 220 -16.65 8.28 -24.02
N ALA A 221 -15.34 8.12 -24.13
CA ALA A 221 -14.81 6.83 -24.54
C ALA A 221 -13.44 6.45 -23.96
N TYR A 222 -13.30 5.17 -23.68
CA TYR A 222 -12.02 4.63 -23.29
C TYR A 222 -11.76 3.53 -24.29
N SER A 223 -10.81 3.74 -25.18
CA SER A 223 -10.49 2.77 -26.23
C SER A 223 -10.11 1.44 -25.60
N GLY A 224 -9.62 1.51 -24.37
CA GLY A 224 -9.19 0.33 -23.63
C GLY A 224 -7.79 -0.11 -24.04
N SER A 225 -7.25 -1.13 -23.38
CA SER A 225 -5.96 -1.63 -23.78
C SER A 225 -6.05 -2.26 -25.15
N THR A 226 -4.99 -2.98 -25.50
CA THR A 226 -4.80 -3.48 -26.84
C THR A 226 -4.39 -4.93 -26.71
N GLU A 227 -4.27 -5.38 -25.45
CA GLU A 227 -4.14 -6.78 -25.13
C GLU A 227 -4.55 -6.96 -23.70
N ILE A 228 -4.47 -8.19 -23.20
CA ILE A 228 -4.80 -8.48 -21.81
C ILE A 228 -3.57 -8.27 -20.97
N ILE A 229 -3.54 -7.15 -20.27
CA ILE A 229 -2.36 -6.85 -19.48
C ILE A 229 -2.43 -7.42 -18.04
N TYR A 230 -3.65 -7.59 -17.52
CA TYR A 230 -3.90 -8.31 -16.25
C TYR A 230 -4.91 -9.44 -16.51
N ARG A 231 -4.74 -10.57 -15.83
CA ARG A 231 -5.63 -11.73 -16.01
C ARG A 231 -7.09 -11.40 -15.91
N ASN A 232 -7.42 -10.34 -15.20
CA ASN A 232 -8.82 -10.00 -14.94
C ASN A 232 -9.49 -9.26 -16.09
N GLU A 233 -8.71 -8.97 -17.12
CA GLU A 233 -9.27 -8.30 -18.29
C GLU A 233 -9.84 -9.28 -19.30
N TYR A 234 -9.69 -10.58 -19.05
CA TYR A 234 -10.18 -11.57 -20.01
C TYR A 234 -11.71 -11.64 -20.04
N GLU A 235 -12.31 -11.85 -18.87
CA GLU A 235 -13.76 -11.92 -18.78
C GLU A 235 -14.36 -10.63 -19.35
N ASP A 236 -13.61 -9.55 -19.15
CA ASP A 236 -13.99 -8.23 -19.62
C ASP A 236 -13.67 -8.10 -21.11
N TYR A 237 -12.84 -9.02 -21.58
CA TYR A 237 -12.38 -9.03 -22.95
C TYR A 237 -13.37 -9.69 -23.90
N LYS A 238 -14.01 -10.76 -23.42
CA LYS A 238 -14.93 -11.56 -24.21
C LYS A 238 -16.24 -10.83 -24.38
N LYS A 239 -16.67 -10.10 -23.36
CA LYS A 239 -17.90 -9.36 -23.44
C LYS A 239 -17.77 -8.22 -24.42
N GLU A 240 -16.70 -7.45 -24.30
CA GLU A 240 -16.63 -6.23 -25.09
C GLU A 240 -15.53 -6.17 -26.15
N GLY A 241 -14.54 -7.06 -26.06
CA GLY A 241 -13.46 -7.14 -27.04
C GLY A 241 -12.53 -5.94 -27.12
N LYS A 242 -11.23 -6.20 -27.11
CA LYS A 242 -10.25 -5.11 -27.14
C LYS A 242 -9.89 -4.72 -28.57
N GLY A 243 -9.62 -3.45 -28.81
CA GLY A 243 -9.22 -2.96 -30.13
C GLY A 243 -9.15 -1.44 -30.16
N PHE A 244 -9.85 -0.80 -31.09
CA PHE A 244 -9.99 0.65 -31.03
C PHE A 244 -11.36 1.18 -31.47
N TYR A 245 -11.52 2.50 -31.41
CA TYR A 245 -12.76 3.13 -31.80
C TYR A 245 -12.63 3.88 -33.12
N LEU A 246 -13.53 3.54 -34.04
CA LEU A 246 -13.70 4.23 -35.32
C LEU A 246 -14.88 5.17 -35.22
N VAL A 247 -14.63 6.46 -35.36
CA VAL A 247 -15.65 7.44 -35.06
C VAL A 247 -15.98 8.23 -36.29
N ASP A 248 -17.25 8.16 -36.70
CA ASP A 248 -17.74 8.92 -37.85
C ASP A 248 -18.31 10.27 -37.43
N PHE A 249 -17.52 11.31 -37.60
CA PHE A 249 -17.95 12.61 -37.15
C PHE A 249 -18.48 13.42 -38.32
N SER A 250 -19.31 12.77 -39.14
CA SER A 250 -19.93 13.41 -40.30
C SER A 250 -21.00 14.43 -39.91
N GLY A 251 -22.18 13.94 -39.56
CA GLY A 251 -23.27 14.78 -39.11
C GLY A 251 -22.88 15.74 -38.00
N ASN A 252 -23.77 16.68 -37.69
CA ASN A 252 -23.48 17.73 -36.72
C ASN A 252 -23.36 17.23 -35.27
N ASP A 253 -23.94 16.07 -34.99
CA ASP A 253 -23.88 15.49 -33.66
C ASP A 253 -23.38 14.06 -33.72
N LEU A 254 -23.20 13.44 -32.54
CA LEU A 254 -22.87 12.02 -32.49
C LEU A 254 -23.59 11.28 -31.40
N ASP A 255 -23.87 10.00 -31.67
CA ASP A 255 -24.45 9.08 -30.70
C ASP A 255 -23.61 7.81 -30.65
N ILE A 256 -24.00 6.85 -29.83
CA ILE A 256 -23.27 5.61 -29.77
C ILE A 256 -23.34 4.94 -31.14
N SER A 257 -24.21 5.47 -31.99
CA SER A 257 -24.49 4.88 -33.30
C SER A 257 -23.38 5.14 -34.32
N ASP A 258 -22.90 6.37 -34.43
CA ASP A 258 -21.86 6.66 -35.40
C ASP A 258 -20.44 6.46 -34.85
N ILE A 259 -20.35 5.69 -33.77
CA ILE A 259 -19.07 5.25 -33.23
C ILE A 259 -18.92 3.76 -33.43
N GLU A 260 -18.21 3.40 -34.49
CA GLU A 260 -18.02 1.99 -34.85
C GLU A 260 -16.82 1.47 -34.06
N LYS A 261 -16.89 0.22 -33.59
CA LYS A 261 -15.74 -0.33 -32.90
C LYS A 261 -15.03 -1.46 -33.64
N ILE A 262 -13.75 -1.26 -33.95
CA ILE A 262 -12.89 -2.34 -34.47
C ILE A 262 -12.34 -3.28 -33.38
N ASP A 263 -12.33 -4.59 -33.66
CA ASP A 263 -11.89 -5.62 -32.71
C ASP A 263 -10.50 -6.17 -33.03
N ILE A 264 -9.99 -7.06 -32.18
CA ILE A 264 -8.63 -7.61 -32.30
C ILE A 264 -8.45 -8.80 -31.37
N GLU A 265 -7.73 -9.81 -31.84
CA GLU A 265 -7.65 -11.07 -31.11
C GLU A 265 -6.44 -11.09 -30.23
N CYS A 266 -6.61 -11.70 -29.07
CA CYS A 266 -5.59 -11.67 -28.05
C CYS A 266 -5.26 -13.06 -27.60
N ARG A 267 -4.09 -13.20 -27.01
CA ARG A 267 -3.71 -14.41 -26.31
C ARG A 267 -4.84 -14.81 -25.39
N GLU A 268 -5.14 -16.10 -25.33
CA GLU A 268 -6.31 -16.55 -24.60
C GLU A 268 -6.00 -17.01 -23.19
N PHE A 269 -6.88 -16.66 -22.27
CA PHE A 269 -6.72 -17.03 -20.88
C PHE A 269 -7.86 -17.96 -20.53
N VAL A 270 -7.67 -18.80 -19.53
CA VAL A 270 -8.62 -19.84 -19.21
C VAL A 270 -8.49 -20.11 -17.74
N GLU A 271 -9.57 -19.89 -17.01
CA GLU A 271 -9.56 -20.09 -15.56
C GLU A 271 -9.99 -21.50 -15.19
N VAL A 272 -9.04 -22.28 -14.69
CA VAL A 272 -9.39 -23.60 -14.18
C VAL A 272 -9.48 -23.59 -12.64
N ASN A 273 -10.55 -24.19 -12.13
CA ASN A 273 -10.64 -24.46 -10.70
C ASN A 273 -10.87 -25.94 -10.59
N ILE A 274 -9.77 -26.68 -10.57
CA ILE A 274 -9.79 -28.14 -10.66
C ILE A 274 -9.94 -28.86 -9.31
N LYS A 275 -11.19 -29.21 -8.98
CA LYS A 275 -11.57 -29.77 -7.68
C LYS A 275 -11.77 -31.29 -7.72
N ASP A 276 -12.42 -31.77 -8.78
CA ASP A 276 -12.79 -33.18 -8.89
C ASP A 276 -12.56 -33.72 -10.29
N LYS A 277 -12.99 -34.96 -10.53
CA LYS A 277 -12.89 -35.57 -11.86
C LYS A 277 -13.80 -34.85 -12.87
N LYS A 278 -14.94 -34.36 -12.40
CA LYS A 278 -15.85 -33.63 -13.27
C LYS A 278 -15.16 -32.37 -13.77
N SER A 279 -14.40 -31.75 -12.88
CA SER A 279 -13.69 -30.52 -13.20
C SER A 279 -12.49 -30.70 -14.12
N PHE A 280 -11.52 -31.53 -13.71
CA PHE A 280 -10.33 -31.73 -14.52
C PHE A 280 -10.71 -31.81 -15.98
N ASN A 281 -11.93 -32.25 -16.24
CA ASN A 281 -12.41 -32.39 -17.61
C ASN A 281 -12.92 -31.08 -18.16
N GLU A 282 -13.76 -30.38 -17.40
CA GLU A 282 -14.25 -29.08 -17.85
C GLU A 282 -13.04 -28.23 -18.26
N ALA A 283 -11.96 -28.41 -17.52
CA ALA A 283 -10.70 -27.72 -17.79
C ALA A 283 -10.12 -28.14 -19.14
N VAL A 284 -10.24 -29.42 -19.47
CA VAL A 284 -9.82 -29.88 -20.79
C VAL A 284 -10.76 -29.31 -21.85
N ASN A 285 -12.04 -29.22 -21.50
CA ASN A 285 -13.06 -28.67 -22.39
C ASN A 285 -12.81 -27.18 -22.74
N LYS A 286 -11.77 -26.59 -22.17
CA LYS A 286 -11.45 -25.18 -22.43
C LYS A 286 -10.13 -25.06 -23.16
N ILE A 287 -9.10 -25.70 -22.65
CA ILE A 287 -7.78 -25.59 -23.26
C ILE A 287 -7.72 -25.90 -24.76
N GLU A 288 -8.34 -27.00 -25.18
CA GLU A 288 -8.34 -27.41 -26.58
C GLU A 288 -9.44 -26.69 -27.36
N ARG A 289 -10.54 -26.38 -26.67
CA ARG A 289 -11.60 -25.51 -27.19
C ARG A 289 -11.03 -24.10 -27.37
N CYS A 290 -9.72 -24.02 -27.59
CA CYS A 290 -9.07 -22.71 -27.58
C CYS A 290 -8.27 -22.43 -28.83
N LYS A 291 -8.58 -21.27 -29.40
CA LYS A 291 -7.93 -20.73 -30.59
C LYS A 291 -6.43 -21.07 -30.65
N ASN A 292 -5.63 -20.37 -29.85
CA ASN A 292 -4.21 -20.70 -29.68
C ASN A 292 -3.90 -21.20 -28.26
N LYS A 293 -2.62 -21.48 -27.99
CA LYS A 293 -2.18 -21.95 -26.67
C LYS A 293 -2.51 -20.92 -25.58
N PRO A 294 -3.43 -21.25 -24.65
CA PRO A 294 -3.91 -20.23 -23.73
C PRO A 294 -2.98 -20.10 -22.53
N VAL A 295 -3.17 -19.04 -21.76
CA VAL A 295 -2.52 -18.94 -20.45
C VAL A 295 -3.53 -19.47 -19.45
N VAL A 296 -3.15 -20.46 -18.65
CA VAL A 296 -4.11 -21.00 -17.71
C VAL A 296 -3.84 -20.45 -16.30
N PHE A 297 -4.91 -20.15 -15.57
CA PHE A 297 -4.77 -19.55 -14.27
C PHE A 297 -5.87 -20.01 -13.34
N GLY A 298 -5.65 -19.81 -12.04
CA GLY A 298 -6.61 -20.15 -11.02
C GLY A 298 -6.12 -21.26 -10.13
N LYS A 299 -7.05 -22.01 -9.55
CA LYS A 299 -6.68 -23.07 -8.62
C LYS A 299 -6.56 -24.47 -9.28
N ILE A 300 -5.90 -25.39 -8.60
CA ILE A 300 -5.79 -26.79 -9.04
C ILE A 300 -5.39 -27.66 -7.86
N LYS A 301 -6.33 -28.44 -7.30
CA LYS A 301 -6.04 -29.33 -6.17
C LYS A 301 -4.82 -30.20 -6.45
N ARG A 302 -4.07 -30.54 -5.42
CA ARG A 302 -2.72 -31.09 -5.56
C ARG A 302 -2.66 -32.45 -6.27
N GLU A 303 -3.65 -33.31 -6.02
CA GLU A 303 -3.70 -34.66 -6.58
C GLU A 303 -3.89 -34.70 -8.10
N PHE A 304 -4.29 -33.57 -8.70
CA PHE A 304 -4.46 -33.48 -10.16
C PHE A 304 -3.26 -32.90 -10.93
N LYS A 305 -2.30 -32.30 -10.20
CA LYS A 305 -1.11 -31.69 -10.81
C LYS A 305 -0.34 -32.56 -11.83
N PRO A 306 -0.01 -33.82 -11.49
CA PRO A 306 0.73 -34.59 -12.51
C PRO A 306 -0.11 -34.80 -13.77
N TRP A 307 -1.41 -35.03 -13.60
CA TRP A 307 -2.27 -35.24 -14.76
C TRP A 307 -2.67 -33.95 -15.46
N PHE A 308 -2.08 -32.84 -15.01
CA PHE A 308 -2.23 -31.60 -15.75
C PHE A 308 -0.99 -31.38 -16.59
N ASP A 309 0.19 -31.55 -15.97
CA ASP A 309 1.45 -31.44 -16.69
C ASP A 309 1.40 -32.28 -17.95
N THR A 310 0.39 -33.14 -18.04
CA THR A 310 0.18 -33.86 -19.27
C THR A 310 -0.04 -32.86 -20.43
N LEU A 311 -0.85 -31.82 -20.16
CA LEU A 311 -1.22 -30.82 -21.18
C LEU A 311 -0.18 -29.73 -21.36
N LYS A 312 1.04 -29.97 -20.86
CA LYS A 312 2.06 -28.93 -20.89
C LYS A 312 2.50 -28.52 -22.30
N ASP A 313 1.78 -29.00 -23.32
CA ASP A 313 2.16 -28.70 -24.71
C ASP A 313 1.01 -28.04 -25.46
N LYS A 314 -0.19 -28.23 -24.94
CA LYS A 314 -1.38 -27.53 -25.39
C LYS A 314 -1.54 -26.22 -24.60
N ILE A 315 -0.68 -26.04 -23.59
CA ILE A 315 -0.70 -24.89 -22.70
C ILE A 315 0.43 -23.93 -23.06
N LEU A 316 0.24 -22.62 -22.82
CA LEU A 316 1.36 -21.67 -22.99
C LEU A 316 2.14 -21.47 -21.71
N ILE A 317 1.40 -21.42 -20.59
CA ILE A 317 2.01 -21.16 -19.29
C ILE A 317 0.98 -21.45 -18.22
N ASN A 318 1.42 -22.00 -17.10
CA ASN A 318 0.47 -22.33 -16.06
C ASN A 318 0.67 -21.49 -14.81
N LYS A 319 -0.16 -20.47 -14.65
CA LYS A 319 0.02 -19.55 -13.54
C LYS A 319 -0.99 -19.91 -12.47
N ALA A 320 -1.50 -21.13 -12.56
CA ALA A 320 -2.50 -21.56 -11.62
C ALA A 320 -1.78 -22.01 -10.40
N ILE A 321 -2.51 -21.95 -9.28
CA ILE A 321 -2.05 -22.29 -7.94
C ILE A 321 -2.28 -23.76 -7.59
N ILE A 322 -1.22 -24.45 -7.18
CA ILE A 322 -1.42 -25.80 -6.65
C ILE A 322 -1.86 -25.68 -5.19
N VAL A 323 -3.14 -25.90 -4.94
CA VAL A 323 -3.70 -25.87 -3.60
C VAL A 323 -3.40 -27.18 -2.85
N ASP A 324 -3.12 -27.11 -1.55
CA ASP A 324 -2.90 -28.33 -0.79
C ASP A 324 -4.22 -29.09 -0.71
N ASP A 325 -4.14 -30.41 -0.62
CA ASP A 325 -5.35 -31.25 -0.61
C ASP A 325 -6.19 -30.97 0.65
N GLU A 326 -5.49 -30.68 1.76
CA GLU A 326 -6.13 -30.35 3.03
C GLU A 326 -7.23 -29.30 2.90
N PHE A 327 -6.84 -28.08 2.50
CA PHE A 327 -7.78 -26.97 2.42
C PHE A 327 -8.82 -27.17 1.32
N ILE A 328 -10.06 -26.87 1.65
CA ILE A 328 -11.20 -27.07 0.75
C ILE A 328 -12.26 -25.98 0.95
N ASP A 329 -11.81 -24.74 1.00
CA ASP A 329 -12.72 -23.61 1.18
C ASP A 329 -12.27 -22.35 0.43
N MET A 330 -13.10 -21.31 0.47
CA MET A 330 -12.75 -20.02 -0.14
C MET A 330 -11.78 -19.28 0.77
N PRO A 331 -10.61 -18.89 0.23
CA PRO A 331 -9.64 -18.01 0.91
C PRO A 331 -9.75 -16.54 0.46
N ASP A 332 -10.25 -16.33 -0.77
CA ASP A 332 -10.47 -14.99 -1.33
C ASP A 332 -11.82 -14.43 -0.87
N ASN A 333 -12.43 -15.11 0.09
CA ASN A 333 -13.73 -14.75 0.62
C ASN A 333 -13.67 -13.58 1.62
N VAL A 334 -14.44 -12.52 1.33
CA VAL A 334 -14.44 -11.28 2.12
C VAL A 334 -15.08 -11.47 3.51
N ASP A 335 -14.27 -11.31 4.56
CA ASP A 335 -14.70 -11.49 5.94
C ASP A 335 -14.21 -10.31 6.80
N ILE A 336 -14.68 -9.10 6.48
CA ILE A 336 -14.18 -7.84 7.10
C ILE A 336 -14.05 -7.92 8.63
N GLU A 337 -12.84 -8.21 9.09
CA GLU A 337 -12.57 -8.27 10.52
C GLU A 337 -11.79 -7.07 11.02
N SER A 338 -12.42 -6.28 11.88
CA SER A 338 -11.75 -5.27 12.64
C SER A 338 -12.04 -5.63 14.08
N LEU A 339 -11.18 -6.43 14.67
CA LEU A 339 -11.41 -6.94 16.02
C LEU A 339 -11.58 -5.82 17.04
N ASN A 340 -12.83 -5.61 17.46
CA ASN A 340 -13.12 -4.58 18.47
C ASN A 340 -12.67 -5.04 19.83
N ILE A 341 -11.46 -4.68 20.19
CA ILE A 341 -10.87 -5.12 21.45
C ILE A 341 -11.91 -5.12 22.56
N LYS A 342 -12.55 -3.98 22.78
CA LYS A 342 -13.55 -3.86 23.83
C LYS A 342 -14.60 -4.97 23.72
N GLU A 343 -15.27 -5.05 22.58
CA GLU A 343 -16.24 -6.12 22.34
C GLU A 343 -15.69 -7.48 22.76
N LEU A 344 -14.56 -7.87 22.18
CA LEU A 344 -13.97 -9.18 22.41
C LEU A 344 -13.72 -9.48 23.87
N LEU A 345 -12.94 -8.62 24.51
CA LEU A 345 -12.66 -8.73 25.94
C LEU A 345 -13.91 -9.12 26.71
N VAL A 346 -14.97 -8.34 26.52
CA VAL A 346 -16.26 -8.60 27.18
C VAL A 346 -16.85 -9.95 26.80
N ASP A 347 -17.16 -10.15 25.51
CA ASP A 347 -17.62 -11.45 25.03
C ASP A 347 -16.83 -12.62 25.66
N TYR A 348 -15.50 -12.48 25.71
CA TYR A 348 -14.60 -13.50 26.28
C TYR A 348 -14.89 -13.74 27.76
N ALA A 349 -14.71 -12.69 28.56
CA ALA A 349 -14.83 -12.80 30.01
C ALA A 349 -16.12 -13.51 30.45
N ASN A 350 -17.19 -13.36 29.69
CA ASN A 350 -18.45 -14.04 29.99
C ASN A 350 -18.31 -15.54 29.83
N ARG A 351 -17.87 -15.96 28.64
CA ARG A 351 -17.57 -17.38 28.39
C ARG A 351 -17.01 -18.05 29.65
N GLN A 352 -16.22 -17.30 30.42
CA GLN A 352 -15.52 -17.81 31.61
C GLN A 352 -16.38 -17.77 32.88
N GLY A 353 -17.27 -16.77 32.94
CA GLY A 353 -18.19 -16.63 34.05
C GLY A 353 -18.12 -15.31 34.78
N ILE A 354 -17.41 -14.34 34.23
CA ILE A 354 -17.16 -13.10 34.95
C ILE A 354 -17.87 -11.89 34.30
N ASP A 355 -18.29 -10.95 35.14
CA ASP A 355 -18.95 -9.73 34.68
C ASP A 355 -18.02 -9.02 33.69
N GLY A 356 -18.18 -9.34 32.41
CA GLY A 356 -17.37 -8.70 31.38
C GLY A 356 -17.51 -7.20 31.46
N ASP A 357 -18.75 -6.74 31.49
CA ASP A 357 -19.05 -5.33 31.59
C ASP A 357 -18.30 -4.69 32.75
N LEU A 358 -17.80 -5.52 33.68
CA LEU A 358 -16.96 -5.05 34.77
C LEU A 358 -15.49 -5.13 34.44
N VAL A 359 -14.99 -6.35 34.29
CA VAL A 359 -13.57 -6.55 34.05
C VAL A 359 -13.06 -5.62 32.95
N LEU A 360 -13.96 -5.23 32.05
CA LEU A 360 -13.64 -4.24 31.04
C LEU A 360 -13.42 -2.88 31.68
N SER A 361 -14.36 -2.49 32.52
CA SER A 361 -14.29 -1.21 33.22
C SER A 361 -13.12 -1.20 34.19
N LEU A 362 -12.83 -2.35 34.77
CA LEU A 362 -11.68 -2.48 35.63
C LEU A 362 -10.43 -2.22 34.81
N TYR A 363 -10.55 -2.49 33.51
CA TYR A 363 -9.43 -2.37 32.58
C TYR A 363 -9.12 -0.92 32.19
N LYS A 364 -10.10 -0.22 31.62
CA LYS A 364 -9.94 1.19 31.27
C LYS A 364 -9.39 1.92 32.48
N ALA A 365 -9.87 1.54 33.65
CA ALA A 365 -9.55 2.18 34.91
C ALA A 365 -8.09 1.98 35.31
N LEU A 366 -7.60 0.75 35.20
CA LEU A 366 -6.24 0.44 35.60
C LEU A 366 -5.20 1.24 34.80
N LEU A 367 -5.52 1.54 33.55
CA LEU A 367 -4.59 2.25 32.65
C LEU A 367 -4.55 3.76 32.86
N ASN A 368 -5.71 4.41 32.71
CA ASN A 368 -5.86 5.84 33.03
C ASN A 368 -5.39 6.15 34.45
N ASN A 369 -4.80 5.15 35.11
CA ASN A 369 -4.42 5.25 36.51
C ASN A 369 -5.53 5.92 37.33
N GLU A 370 -6.69 5.27 37.38
CA GLU A 370 -7.81 5.76 38.17
C GLU A 370 -7.84 5.09 39.56
N ASN A 371 -8.88 5.37 40.36
CA ASN A 371 -9.01 4.72 41.66
C ASN A 371 -9.81 3.42 41.55
N TRP A 372 -9.10 2.30 41.66
CA TRP A 372 -9.71 1.00 41.46
C TRP A 372 -10.51 0.61 42.69
N LYS A 373 -9.88 0.75 43.86
CA LYS A 373 -10.55 0.51 45.13
C LYS A 373 -12.03 0.84 44.99
N GLU A 374 -12.29 2.07 44.54
CA GLU A 374 -13.64 2.55 44.30
C GLU A 374 -14.43 1.59 43.44
N LEU A 375 -13.99 1.42 42.19
CA LEU A 375 -14.70 0.56 41.24
C LEU A 375 -15.00 -0.80 41.86
N LEU A 376 -14.05 -1.31 42.64
CA LEU A 376 -14.21 -2.59 43.29
C LEU A 376 -15.12 -2.42 44.51
N ASP A 377 -14.70 -1.58 45.45
CA ASP A 377 -15.54 -1.23 46.59
C ASP A 377 -16.98 -1.08 46.15
N GLU A 378 -17.18 -0.40 45.02
CA GLU A 378 -18.50 -0.26 44.42
C GLU A 378 -19.10 -1.62 44.06
N TYR A 379 -18.70 -2.14 42.90
CA TYR A 379 -19.19 -3.42 42.43
C TYR A 379 -19.44 -4.39 43.60
N TYR A 380 -18.43 -4.49 44.48
CA TYR A 380 -18.49 -5.33 45.68
C TYR A 380 -19.83 -5.25 46.38
N ASN A 381 -20.17 -4.06 46.85
CA ASN A 381 -21.45 -3.82 47.50
C ASN A 381 -22.60 -3.89 46.50
N THR A 382 -22.51 -3.04 45.48
CA THR A 382 -23.50 -2.90 44.42
C THR A 382 -24.03 -4.19 43.82
N LYS A 383 -23.21 -4.83 43.00
CA LYS A 383 -23.68 -5.93 42.17
C LYS A 383 -23.18 -7.31 42.61
N PHE A 384 -22.13 -7.36 43.42
CA PHE A 384 -21.52 -8.64 43.73
C PHE A 384 -22.28 -9.53 44.70
N ARG A 385 -23.03 -10.48 44.17
CA ARG A 385 -23.78 -11.39 45.00
C ARG A 385 -23.09 -12.74 45.06
N GLY A 386 -22.03 -12.81 45.86
CA GLY A 386 -21.27 -14.03 46.01
C GLY A 386 -21.76 -14.86 47.17
N MET B 1 -1.57 5.87 18.72
CA MET B 1 -0.19 6.21 18.39
C MET B 1 -0.06 6.69 16.94
N SER B 2 -0.87 7.67 16.58
CA SER B 2 -0.81 8.25 15.23
C SER B 2 0.32 9.28 15.12
N MET B 3 1.43 8.90 14.49
CA MET B 3 2.65 9.70 14.46
C MET B 3 3.01 10.18 13.03
N ILE B 4 3.50 11.42 12.90
CA ILE B 4 3.80 12.02 11.60
C ILE B 4 4.93 13.05 11.69
N LEU B 5 5.83 13.07 10.71
CA LEU B 5 6.98 13.97 10.74
C LEU B 5 6.80 15.13 9.78
N LYS B 6 6.82 16.36 10.32
CA LYS B 6 6.57 17.57 9.54
C LYS B 6 7.80 18.09 8.79
N GLU B 7 8.84 18.44 9.52
CA GLU B 7 10.10 18.82 8.90
C GLU B 7 11.21 18.65 9.91
N ILE B 8 12.44 18.79 9.44
CA ILE B 8 13.58 18.66 10.33
C ILE B 8 14.74 19.56 9.89
N ARG B 9 15.45 20.04 10.89
CA ARG B 9 16.59 20.93 10.70
C ARG B 9 17.81 20.28 11.35
N MET B 10 18.95 20.32 10.64
CA MET B 10 20.15 19.69 11.16
C MET B 10 21.42 20.45 10.82
N ASN B 11 22.36 20.42 11.77
CA ASN B 11 23.61 21.15 11.70
C ASN B 11 24.80 20.32 12.14
N ASN B 12 25.84 20.30 11.30
CA ASN B 12 27.02 19.50 11.57
C ASN B 12 26.77 17.98 11.74
N PHE B 13 25.78 17.46 11.01
CA PHE B 13 25.38 16.05 11.12
C PHE B 13 25.93 15.17 10.00
N LYS B 14 27.04 14.50 10.26
CA LYS B 14 27.80 13.82 9.21
C LYS B 14 27.90 14.71 7.97
N SER B 15 27.40 14.24 6.84
CA SER B 15 27.57 14.94 5.56
C SER B 15 26.62 16.14 5.45
N HIS B 16 25.59 16.17 6.31
CA HIS B 16 24.64 17.28 6.37
C HIS B 16 25.09 18.46 7.22
N VAL B 17 26.16 19.13 6.79
CA VAL B 17 26.66 20.32 7.45
C VAL B 17 25.53 21.22 7.88
N ASN B 18 24.63 21.52 6.96
CA ASN B 18 23.45 22.29 7.27
C ASN B 18 22.33 22.20 6.21
N SER B 19 21.18 21.73 6.65
CA SER B 19 20.04 21.67 5.75
C SER B 19 18.76 21.36 6.51
N ARG B 20 17.68 21.91 5.98
CA ARG B 20 16.34 21.65 6.49
C ARG B 20 15.57 20.94 5.39
N ILE B 21 14.62 20.11 5.81
CA ILE B 21 13.84 19.27 4.91
C ILE B 21 12.38 19.17 5.31
N LYS B 22 11.50 19.48 4.35
CA LYS B 22 10.04 19.45 4.54
C LYS B 22 9.45 18.07 4.22
N PHE B 23 8.72 17.51 5.18
CA PHE B 23 8.12 16.20 5.01
C PHE B 23 6.64 16.26 4.66
N GLU B 24 6.36 16.16 3.37
CA GLU B 24 4.98 16.06 2.90
C GLU B 24 4.49 14.62 3.03
N LYS B 25 3.20 14.45 3.32
CA LYS B 25 2.63 13.13 3.57
C LYS B 25 2.32 12.31 2.31
N GLY B 26 2.22 10.98 2.48
CA GLY B 26 1.98 10.04 1.40
C GLY B 26 3.20 9.24 0.98
N ILE B 27 3.57 9.35 -0.29
CA ILE B 27 4.69 8.61 -0.83
C ILE B 27 5.97 9.46 -0.86
N VAL B 28 6.46 9.76 0.34
CA VAL B 28 7.71 10.48 0.54
C VAL B 28 8.84 9.61 0.02
N ALA B 29 9.83 10.17 -0.64
CA ALA B 29 10.83 9.29 -1.21
C ALA B 29 12.24 9.87 -1.42
N ILE B 30 13.08 9.78 -0.42
CA ILE B 30 14.45 10.28 -0.58
C ILE B 30 15.20 9.47 -1.63
N ILE B 31 16.08 10.11 -2.39
CA ILE B 31 16.73 9.47 -3.53
C ILE B 31 18.11 10.07 -3.72
N GLY B 32 19.13 9.27 -4.07
CA GLY B 32 20.39 9.89 -4.43
C GLY B 32 21.52 8.93 -4.72
N GLU B 33 22.60 9.38 -5.32
CA GLU B 33 23.74 8.48 -5.53
C GLU B 33 24.22 7.78 -4.23
N ASN B 34 25.36 7.08 -4.26
CA ASN B 34 25.80 6.43 -3.04
C ASN B 34 26.40 7.47 -2.16
N GLY B 35 25.88 7.52 -0.93
CA GLY B 35 26.43 8.33 0.14
C GLY B 35 25.98 9.75 0.01
N SER B 36 25.06 9.99 -0.93
CA SER B 36 24.50 11.31 -1.13
C SER B 36 24.20 11.96 0.24
N GLY B 37 23.64 11.16 1.16
CA GLY B 37 23.25 11.63 2.47
C GLY B 37 21.88 11.17 2.92
N LYS B 38 21.44 10.01 2.46
CA LYS B 38 20.04 9.62 2.58
C LYS B 38 19.60 9.10 3.94
N SER B 39 20.40 8.18 4.48
CA SER B 39 20.05 7.56 5.75
C SER B 39 20.24 8.54 6.90
N SER B 40 21.31 9.35 6.82
CA SER B 40 21.57 10.36 7.85
C SER B 40 20.32 11.14 8.16
N ILE B 41 19.59 11.54 7.13
CA ILE B 41 18.36 12.28 7.34
C ILE B 41 17.49 11.55 8.40
N PHE B 42 17.63 10.24 8.48
CA PHE B 42 16.83 9.49 9.43
C PHE B 42 17.61 8.87 10.56
N GLU B 43 18.93 8.91 10.45
CA GLU B 43 19.75 8.78 11.62
C GLU B 43 19.43 9.96 12.55
N ALA B 44 19.48 11.17 12.01
CA ALA B 44 19.10 12.40 12.73
C ALA B 44 17.69 12.41 13.35
N VAL B 45 16.66 12.14 12.55
CA VAL B 45 15.31 12.05 13.09
C VAL B 45 15.35 11.21 14.36
N PHE B 46 16.13 10.14 14.31
CA PHE B 46 16.22 9.17 15.39
C PHE B 46 17.06 9.67 16.56
N PHE B 47 18.02 10.54 16.27
CA PHE B 47 18.78 11.19 17.33
C PHE B 47 17.84 12.14 18.07
N ALA B 48 17.47 13.24 17.43
CA ALA B 48 16.46 14.11 18.01
C ALA B 48 15.59 13.41 19.09
N LEU B 49 14.83 12.38 18.71
CA LEU B 49 13.87 11.81 19.64
C LEU B 49 14.55 11.11 20.81
N PHE B 50 15.42 10.16 20.51
CA PHE B 50 15.92 9.26 21.54
C PHE B 50 17.39 9.45 21.93
N GLY B 51 18.01 10.53 21.44
CA GLY B 51 19.44 10.76 21.62
C GLY B 51 20.26 9.58 22.11
N ALA B 52 21.34 9.26 21.41
CA ALA B 52 22.24 8.19 21.82
C ALA B 52 22.41 8.19 23.34
N GLY B 53 21.86 7.15 23.98
CA GLY B 53 21.86 7.03 25.43
C GLY B 53 23.24 7.15 26.07
N SER B 54 23.95 6.03 26.14
CA SER B 54 25.29 5.98 26.76
C SER B 54 26.13 7.16 26.29
N ASN B 55 27.21 7.45 27.03
CA ASN B 55 28.14 8.47 26.57
C ASN B 55 28.94 7.92 25.39
N PHE B 56 28.22 7.59 24.31
CA PHE B 56 28.83 6.92 23.15
C PHE B 56 29.82 7.85 22.47
N ASN B 57 30.20 7.49 21.25
CA ASN B 57 31.12 8.32 20.50
C ASN B 57 30.37 9.41 19.75
N TYR B 58 30.60 10.67 20.10
CA TYR B 58 29.92 11.76 19.43
C TYR B 58 30.72 12.25 18.23
N ASP B 59 31.87 11.62 18.02
CA ASP B 59 32.66 11.90 16.83
C ASP B 59 32.12 11.11 15.66
N THR B 60 30.99 10.44 15.90
CA THR B 60 30.37 9.62 14.88
C THR B 60 29.44 10.46 14.03
N ILE B 61 28.57 11.19 14.69
CA ILE B 61 27.50 11.88 14.01
C ILE B 61 27.83 13.33 13.71
N ILE B 62 28.99 13.79 14.16
CA ILE B 62 29.31 15.19 14.01
C ILE B 62 30.12 15.33 12.74
N THR B 63 29.81 16.32 11.89
CA THR B 63 30.59 16.41 10.67
C THR B 63 32.08 16.42 10.98
N LYS B 64 32.82 15.57 10.29
CA LYS B 64 34.22 15.33 10.58
C LYS B 64 35.09 16.58 10.66
N GLY B 65 34.58 17.73 10.31
CA GLY B 65 35.38 18.90 10.56
C GLY B 65 35.10 19.43 11.95
N LYS B 66 33.82 19.41 12.29
CA LYS B 66 33.27 20.33 13.26
C LYS B 66 33.44 19.93 14.72
N LYS B 67 32.59 20.53 15.54
CA LYS B 67 32.75 20.56 16.99
C LYS B 67 31.40 20.39 17.67
N SER B 68 30.37 20.96 17.05
CA SER B 68 29.02 20.94 17.56
C SER B 68 28.14 20.01 16.76
N VAL B 69 26.89 19.85 17.20
CA VAL B 69 25.86 19.17 16.43
C VAL B 69 24.46 19.55 16.92
N TYR B 70 23.72 20.20 16.04
CA TYR B 70 22.35 20.64 16.31
C TYR B 70 21.37 19.90 15.40
N VAL B 71 20.37 19.27 16.00
CA VAL B 71 19.24 18.73 15.25
C VAL B 71 17.90 19.07 15.92
N GLU B 72 16.96 19.64 15.16
CA GLU B 72 15.59 19.84 15.66
C GLU B 72 14.53 19.33 14.68
N LEU B 73 13.62 18.50 15.16
CA LEU B 73 12.61 17.93 14.27
C LEU B 73 11.18 18.25 14.65
N ASP B 74 10.36 18.47 13.62
CA ASP B 74 8.95 18.84 13.75
C ASP B 74 8.00 17.72 13.34
N PHE B 75 7.15 17.29 14.27
CA PHE B 75 6.26 16.16 14.04
C PHE B 75 4.92 16.25 14.79
N GLU B 76 3.83 16.05 14.07
CA GLU B 76 2.50 15.96 14.67
C GLU B 76 2.24 14.56 15.21
N VAL B 77 2.12 14.42 16.52
CA VAL B 77 1.87 13.11 17.11
C VAL B 77 0.58 13.10 17.93
N ASN B 78 -0.23 12.06 17.76
CA ASN B 78 -1.59 11.96 18.31
C ASN B 78 -2.45 13.23 18.20
N GLY B 79 -2.35 13.90 17.06
CA GLY B 79 -3.09 15.13 16.83
C GLY B 79 -2.28 16.38 17.10
N ASN B 80 -1.74 16.51 18.31
CA ASN B 80 -0.90 17.64 18.71
C ASN B 80 0.17 18.03 17.68
N ASN B 81 1.05 18.94 18.06
CA ASN B 81 2.17 19.31 17.22
C ASN B 81 3.41 19.64 18.05
N TYR B 82 4.45 18.82 17.96
CA TYR B 82 5.61 19.00 18.83
C TYR B 82 6.88 19.51 18.14
N LYS B 83 7.93 19.62 18.95
CA LYS B 83 9.29 19.93 18.47
C LYS B 83 10.32 19.54 19.55
N ILE B 84 11.26 18.68 19.18
CA ILE B 84 12.32 18.27 20.09
C ILE B 84 13.61 18.88 19.59
N ILE B 85 14.52 19.14 20.52
CA ILE B 85 15.84 19.62 20.16
C ILE B 85 16.93 18.96 21.00
N ARG B 86 18.09 18.73 20.38
CA ARG B 86 19.22 18.12 21.06
C ARG B 86 20.50 18.65 20.44
N GLU B 87 21.50 18.91 21.27
CA GLU B 87 22.74 19.48 20.77
C GLU B 87 23.97 18.96 21.50
N TYR B 88 25.11 19.54 21.17
CA TYR B 88 26.34 19.07 21.73
C TYR B 88 27.44 20.03 21.38
N ASP B 89 28.07 20.60 22.41
CA ASP B 89 29.27 21.40 22.25
C ASP B 89 30.41 20.73 22.98
N SER B 90 31.48 20.51 22.25
CA SER B 90 32.64 19.78 22.74
C SER B 90 32.38 19.30 24.16
N GLY B 91 31.96 18.04 24.29
CA GLY B 91 31.79 17.38 25.58
C GLY B 91 30.38 17.29 26.14
N ARG B 92 29.60 18.36 26.00
CA ARG B 92 28.30 18.43 26.69
C ARG B 92 27.12 18.86 25.81
N GLY B 93 25.98 18.17 25.94
CA GLY B 93 24.74 18.64 25.34
C GLY B 93 23.52 18.37 26.19
N GLY B 94 22.39 18.97 25.82
CA GLY B 94 21.12 18.70 26.49
C GLY B 94 19.92 18.78 25.56
N ALA B 95 18.76 18.37 26.03
CA ALA B 95 17.58 18.31 25.16
C ALA B 95 16.35 19.07 25.65
N LYS B 96 15.89 20.04 24.86
CA LYS B 96 14.65 20.78 25.12
C LYS B 96 13.46 20.19 24.32
N LEU B 97 12.27 20.22 24.90
CA LEU B 97 11.07 19.67 24.25
C LEU B 97 9.84 20.59 24.33
N TYR B 98 9.46 21.21 23.21
CA TYR B 98 8.29 22.11 23.15
C TYR B 98 6.98 21.37 22.79
N LYS B 99 5.88 21.75 23.47
CA LYS B 99 4.53 21.18 23.23
C LYS B 99 3.54 22.26 22.74
N ASN B 100 3.47 22.46 21.43
CA ASN B 100 2.68 23.52 20.77
C ASN B 100 3.24 24.92 20.97
N GLY B 101 4.25 25.02 21.83
CA GLY B 101 4.81 26.29 22.23
C GLY B 101 5.24 26.14 23.68
N LYS B 102 4.52 25.30 24.42
CA LYS B 102 4.75 25.10 25.85
C LYS B 102 5.48 23.80 26.20
N PRO B 103 6.77 23.92 26.57
CA PRO B 103 7.73 22.84 26.87
C PRO B 103 7.29 21.95 28.03
N TYR B 104 7.36 20.62 27.85
CA TYR B 104 6.90 19.69 28.88
C TYR B 104 8.04 19.13 29.75
N ALA B 105 9.24 19.06 29.19
CA ALA B 105 10.43 18.69 29.94
C ALA B 105 11.67 19.32 29.30
N THR B 106 12.61 19.73 30.13
CA THR B 106 13.77 20.45 29.62
C THR B 106 15.06 19.98 30.28
N THR B 107 15.35 18.71 30.12
CA THR B 107 16.65 18.16 30.50
C THR B 107 16.89 16.81 29.81
N ILE B 108 18.14 16.57 29.44
CA ILE B 108 18.54 15.29 28.89
C ILE B 108 17.65 14.18 29.44
N SER B 109 17.59 14.05 30.76
CA SER B 109 16.83 12.98 31.41
C SER B 109 15.32 13.25 31.44
N ALA B 110 14.94 14.52 31.41
CA ALA B 110 13.54 14.93 31.47
C ALA B 110 12.83 14.60 30.16
N VAL B 111 13.22 15.30 29.10
CA VAL B 111 12.70 15.05 27.77
C VAL B 111 12.78 13.57 27.41
N ASN B 112 13.76 12.88 27.99
CA ASN B 112 13.91 11.44 27.78
C ASN B 112 12.64 10.68 28.16
N LYS B 113 12.38 10.53 29.46
CA LYS B 113 11.25 9.75 29.93
C LYS B 113 9.93 10.34 29.44
N ALA B 114 10.02 11.50 28.78
CA ALA B 114 8.86 12.17 28.19
C ALA B 114 8.57 11.67 26.78
N VAL B 115 9.63 11.44 26.01
CA VAL B 115 9.47 11.00 24.63
C VAL B 115 9.02 9.54 24.52
N ASN B 116 9.19 8.77 25.59
CA ASN B 116 8.78 7.37 25.59
C ASN B 116 7.26 7.18 25.71
N GLU B 117 6.61 8.06 26.47
CA GLU B 117 5.17 7.93 26.72
C GLU B 117 4.34 8.71 25.68
N ILE B 118 4.97 9.70 25.05
CA ILE B 118 4.34 10.49 23.99
C ILE B 118 4.45 9.76 22.65
N LEU B 119 4.99 8.54 22.70
CA LEU B 119 5.10 7.68 21.53
C LEU B 119 4.66 6.25 21.84
N GLY B 120 5.05 5.76 23.01
CA GLY B 120 4.55 4.47 23.51
C GLY B 120 5.45 3.27 23.31
N VAL B 121 6.62 3.50 22.73
CA VAL B 121 7.56 2.41 22.48
C VAL B 121 8.97 2.91 22.82
N ASP B 122 9.80 2.05 23.40
CA ASP B 122 11.13 2.48 23.77
C ASP B 122 12.00 2.78 22.55
N ARG B 123 13.32 2.77 22.74
CA ARG B 123 14.24 3.06 21.65
C ARG B 123 14.34 1.90 20.67
N ASN B 124 14.22 0.67 21.17
CA ASN B 124 14.34 -0.53 20.33
C ASN B 124 13.00 -1.01 19.78
N MET B 125 11.92 -0.71 20.47
CA MET B 125 10.63 -1.03 19.90
C MET B 125 10.36 -0.05 18.79
N PHE B 126 11.16 1.01 18.73
CA PHE B 126 11.05 2.01 17.66
C PHE B 126 11.61 1.47 16.34
N LEU B 127 12.82 0.91 16.42
CA LEU B 127 13.53 0.34 15.28
C LEU B 127 12.93 -0.97 14.86
N ASN B 128 11.93 -1.41 15.61
CA ASN B 128 11.30 -2.69 15.35
C ASN B 128 9.97 -2.51 14.64
N SER B 129 9.56 -1.27 14.42
CA SER B 129 8.22 -1.03 13.88
C SER B 129 7.96 0.34 13.25
N ILE B 130 8.77 1.35 13.57
CA ILE B 130 8.53 2.64 12.95
C ILE B 130 9.67 3.01 12.01
N TYR B 131 10.88 2.68 12.43
CA TYR B 131 12.06 3.02 11.67
C TYR B 131 12.86 1.77 11.35
N ILE B 132 12.79 1.30 10.10
CA ILE B 132 13.41 0.04 9.71
C ILE B 132 14.72 0.25 8.93
N LYS B 133 15.82 0.17 9.66
CA LYS B 133 17.14 0.53 9.16
C LYS B 133 17.63 -0.29 7.96
N GLN B 134 18.51 0.32 7.17
CA GLN B 134 19.14 -0.36 6.07
C GLN B 134 19.87 -1.64 6.52
N GLY B 135 19.34 -2.78 6.11
CA GLY B 135 19.99 -4.04 6.36
C GLY B 135 18.98 -4.88 7.10
N GLU B 136 17.99 -4.22 7.65
CA GLU B 136 17.14 -4.90 8.60
C GLU B 136 15.73 -4.98 8.18
N ILE B 137 15.50 -5.35 6.92
CA ILE B 137 14.14 -5.42 6.44
C ILE B 137 13.56 -6.76 6.86
N ALA B 138 14.46 -7.72 7.02
CA ALA B 138 14.07 -9.07 7.34
C ALA B 138 14.29 -9.39 8.81
N LYS B 139 15.03 -8.52 9.50
CA LYS B 139 15.35 -8.72 10.92
C LYS B 139 14.25 -9.43 11.69
N PHE B 140 13.06 -8.85 11.69
CA PHE B 140 11.97 -9.44 12.47
C PHE B 140 11.94 -10.96 12.39
N LEU B 141 11.81 -11.51 11.18
CA LEU B 141 11.70 -12.95 10.99
C LEU B 141 12.94 -13.68 11.43
N SER B 142 14.05 -12.95 11.57
CA SER B 142 15.31 -13.56 11.98
C SER B 142 15.39 -13.75 13.49
N LEU B 143 14.31 -13.40 14.19
CA LEU B 143 14.33 -13.36 15.66
C LEU B 143 14.04 -14.71 16.30
N LYS B 144 14.47 -14.86 17.55
CA LYS B 144 14.01 -16.00 18.34
C LYS B 144 12.50 -15.83 18.58
N PRO B 145 11.75 -16.94 18.52
CA PRO B 145 10.29 -16.91 18.58
C PRO B 145 9.76 -16.39 19.90
N SER B 146 10.63 -16.23 20.89
CA SER B 146 10.25 -15.52 22.10
C SER B 146 10.39 -14.04 21.82
N GLU B 147 11.56 -13.68 21.26
CA GLU B 147 11.87 -12.30 20.90
C GLU B 147 10.81 -11.75 19.97
N LYS B 148 10.28 -12.62 19.11
CA LYS B 148 9.19 -12.25 18.21
C LYS B 148 7.89 -11.94 18.96
N LEU B 149 7.46 -12.86 19.81
CA LEU B 149 6.25 -12.65 20.61
C LEU B 149 6.39 -11.46 21.54
N GLU B 150 7.64 -11.13 21.90
CA GLU B 150 7.92 -9.96 22.73
C GLU B 150 7.68 -8.62 22.01
N THR B 151 8.12 -8.53 20.76
CA THR B 151 8.00 -7.28 20.01
C THR B 151 6.63 -7.11 19.37
N VAL B 152 5.94 -8.22 19.21
CA VAL B 152 4.61 -8.18 18.62
C VAL B 152 3.62 -7.93 19.73
N ALA B 153 3.96 -8.42 20.92
CA ALA B 153 3.13 -8.21 22.08
C ALA B 153 3.02 -6.72 22.40
N LYS B 154 4.05 -5.96 22.02
CA LYS B 154 4.03 -4.51 22.22
C LYS B 154 3.35 -3.76 21.06
N LEU B 155 3.53 -4.25 19.84
CA LEU B 155 3.02 -3.55 18.67
C LEU B 155 1.52 -3.75 18.53
N LEU B 156 1.01 -4.79 19.18
CA LEU B 156 -0.42 -5.12 19.12
C LEU B 156 -1.28 -4.46 20.21
N GLY B 157 -0.68 -4.26 21.39
CA GLY B 157 -1.38 -3.68 22.53
C GLY B 157 -1.51 -4.69 23.66
N ILE B 158 -0.86 -5.84 23.50
CA ILE B 158 -0.89 -6.93 24.47
C ILE B 158 -0.07 -6.64 25.72
N ASP B 159 1.01 -5.87 25.57
CA ASP B 159 1.82 -5.50 26.73
C ASP B 159 0.97 -4.82 27.80
N GLU B 160 0.13 -3.86 27.39
CA GLU B 160 -0.73 -3.12 28.33
C GLU B 160 -1.48 -4.10 29.22
N PHE B 161 -2.01 -5.14 28.62
CA PHE B 161 -2.68 -6.18 29.38
C PHE B 161 -1.79 -6.82 30.45
N GLU B 162 -0.54 -7.10 30.10
CA GLU B 162 0.35 -7.71 31.08
C GLU B 162 0.49 -6.75 32.25
N LYS B 163 0.35 -5.46 31.97
CA LYS B 163 0.31 -4.49 33.04
C LYS B 163 -0.91 -4.86 33.89
N CYS B 164 -2.08 -4.83 33.27
CA CYS B 164 -3.31 -5.11 33.99
C CYS B 164 -3.22 -6.40 34.77
N TYR B 165 -2.45 -7.35 34.27
CA TYR B 165 -2.21 -8.58 35.02
C TYR B 165 -1.57 -8.29 36.36
N GLN B 166 -0.33 -7.81 36.33
CA GLN B 166 0.46 -7.59 37.53
C GLN B 166 -0.15 -6.48 38.37
N LYS B 167 -1.05 -5.72 37.77
CA LYS B 167 -1.84 -4.76 38.53
C LYS B 167 -2.82 -5.55 39.38
N MET B 168 -3.68 -6.31 38.72
CA MET B 168 -4.61 -7.20 39.41
C MET B 168 -3.95 -8.16 40.40
N GLY B 169 -2.62 -8.19 40.44
CA GLY B 169 -1.91 -9.06 41.35
C GLY B 169 -1.60 -8.30 42.63
N GLU B 170 -1.60 -6.98 42.50
CA GLU B 170 -1.45 -6.07 43.62
C GLU B 170 -2.84 -5.75 44.19
N ILE B 171 -3.82 -5.64 43.31
CA ILE B 171 -5.19 -5.36 43.71
C ILE B 171 -5.78 -6.52 44.50
N VAL B 172 -5.33 -7.73 44.20
CA VAL B 172 -5.74 -8.91 44.96
C VAL B 172 -4.93 -8.94 46.24
N LYS B 173 -4.02 -8.00 46.38
CA LYS B 173 -3.28 -7.84 47.62
C LYS B 173 -4.14 -7.12 48.68
N GLU B 174 -4.76 -6.01 48.31
CA GLU B 174 -5.60 -5.27 49.24
C GLU B 174 -6.76 -6.14 49.74
N TYR B 175 -7.57 -6.65 48.83
CA TYR B 175 -8.73 -7.44 49.21
C TYR B 175 -8.32 -8.81 49.73
N GLU B 176 -7.17 -8.86 50.37
CA GLU B 176 -6.71 -10.08 50.99
C GLU B 176 -6.16 -9.76 52.37
N LYS B 177 -5.60 -8.57 52.53
CA LYS B 177 -5.34 -8.03 53.86
C LYS B 177 -6.69 -7.81 54.51
N ARG B 178 -7.56 -7.08 53.81
CA ARG B 178 -8.94 -6.84 54.26
C ARG B 178 -9.58 -8.12 54.75
N LEU B 179 -9.31 -9.20 54.03
CA LEU B 179 -9.86 -10.50 54.33
C LEU B 179 -9.18 -11.14 55.52
N GLU B 180 -7.88 -10.89 55.66
CA GLU B 180 -7.14 -11.35 56.82
C GLU B 180 -7.66 -10.60 58.04
N ARG B 181 -7.78 -9.29 57.89
CA ARG B 181 -8.36 -8.42 58.91
C ARG B 181 -9.60 -9.09 59.52
N ILE B 182 -10.60 -9.36 58.68
CA ILE B 182 -11.83 -9.96 59.15
C ILE B 182 -11.62 -11.32 59.77
N GLU B 183 -10.71 -12.10 59.21
CA GLU B 183 -10.38 -13.43 59.76
C GLU B 183 -9.91 -13.33 61.21
N GLY B 184 -9.06 -12.33 61.49
CA GLY B 184 -8.51 -12.12 62.82
C GLY B 184 -9.54 -11.69 63.84
N GLU B 185 -10.52 -10.90 63.40
CA GLU B 185 -11.61 -10.47 64.28
C GLU B 185 -12.56 -11.63 64.55
N LEU B 186 -12.77 -12.46 63.54
CA LEU B 186 -13.67 -13.60 63.65
C LEU B 186 -12.97 -14.79 64.30
N ASN B 187 -11.85 -14.49 64.96
CA ASN B 187 -11.03 -15.49 65.66
C ASN B 187 -11.81 -16.59 66.34
N TYR B 188 -12.16 -16.38 67.61
CA TYR B 188 -12.91 -17.37 68.37
C TYR B 188 -14.33 -17.67 67.84
N LYS B 189 -14.58 -17.36 66.56
CA LYS B 189 -15.88 -17.65 65.94
C LYS B 189 -15.76 -18.47 64.66
N ARG B 196 -27.69 -28.99 65.32
CA ARG B 196 -27.06 -27.73 64.97
C ARG B 196 -27.69 -26.52 65.69
N LEU B 197 -28.73 -25.96 65.08
CA LEU B 197 -29.39 -24.73 65.54
C LEU B 197 -28.40 -23.56 65.60
N LYS B 198 -27.31 -23.68 64.83
CA LYS B 198 -26.24 -22.66 64.79
C LYS B 198 -26.01 -22.17 63.37
N GLU B 199 -26.63 -21.05 63.02
CA GLU B 199 -26.50 -20.47 61.68
C GLU B 199 -25.57 -19.26 61.65
N MET B 200 -25.06 -18.90 60.46
CA MET B 200 -23.88 -18.05 60.38
C MET B 200 -24.09 -16.55 60.64
N SER B 201 -23.25 -16.00 61.53
CA SER B 201 -23.36 -14.60 61.97
C SER B 201 -23.07 -13.60 60.85
N ASN B 202 -23.20 -12.31 61.14
CA ASN B 202 -23.06 -11.29 60.10
C ASN B 202 -21.63 -11.14 59.62
N LEU B 203 -20.69 -11.25 60.55
CA LEU B 203 -19.29 -11.15 60.19
C LEU B 203 -18.87 -12.43 59.52
N GLU B 204 -19.53 -13.53 59.86
CA GLU B 204 -19.30 -14.79 59.19
C GLU B 204 -19.80 -14.71 57.75
N LYS B 205 -20.91 -14.00 57.56
CA LYS B 205 -21.50 -13.84 56.23
C LYS B 205 -20.62 -12.93 55.38
N GLU B 206 -19.93 -11.99 56.02
CA GLU B 206 -19.00 -11.12 55.33
C GLU B 206 -17.69 -11.85 55.07
N LYS B 207 -17.18 -12.55 56.08
CA LYS B 207 -16.02 -13.42 55.88
C LYS B 207 -16.22 -14.14 54.56
N GLU B 208 -17.35 -14.85 54.46
CA GLU B 208 -17.61 -15.61 53.25
C GLU B 208 -17.65 -14.70 52.03
N LYS B 209 -18.53 -13.71 51.99
CA LYS B 209 -18.65 -12.87 50.80
C LYS B 209 -17.28 -12.37 50.36
N LEU B 210 -16.52 -11.83 51.31
CA LEU B 210 -15.20 -11.29 51.01
C LEU B 210 -14.26 -12.33 50.41
N THR B 211 -14.44 -13.60 50.79
CA THR B 211 -13.61 -14.69 50.29
C THR B 211 -13.99 -15.08 48.85
N LYS B 212 -15.29 -15.27 48.61
CA LYS B 212 -15.77 -15.51 47.26
C LYS B 212 -15.55 -14.27 46.38
N PHE B 213 -15.15 -13.16 47.01
CA PHE B 213 -14.75 -11.98 46.26
C PHE B 213 -13.33 -12.18 45.74
N VAL B 214 -12.39 -12.38 46.65
CA VAL B 214 -11.02 -12.63 46.24
C VAL B 214 -11.00 -13.59 45.06
N GLU B 215 -11.68 -14.73 45.22
CA GLU B 215 -11.80 -15.70 44.14
C GLU B 215 -12.12 -15.00 42.84
N TYR B 216 -13.26 -14.31 42.81
CA TYR B 216 -13.65 -13.56 41.62
C TYR B 216 -12.49 -12.68 41.16
N LEU B 217 -11.87 -11.97 42.09
CA LEU B 217 -10.79 -11.07 41.73
C LEU B 217 -9.65 -11.80 41.03
N ASP B 218 -9.15 -12.89 41.62
CA ASP B 218 -8.10 -13.65 40.96
C ASP B 218 -8.55 -14.14 39.57
N LYS B 219 -9.69 -14.82 39.49
CA LYS B 219 -10.21 -15.31 38.22
C LYS B 219 -10.34 -14.20 37.16
N VAL B 220 -10.00 -12.98 37.54
CA VAL B 220 -9.97 -11.87 36.60
C VAL B 220 -8.53 -11.52 36.32
N ARG B 221 -7.71 -11.70 37.34
CA ARG B 221 -6.26 -11.57 37.19
C ARG B 221 -5.88 -12.49 36.05
N ARG B 222 -6.32 -13.75 36.14
CA ARG B 222 -5.91 -14.75 35.17
C ARG B 222 -6.53 -14.53 33.78
N ILE B 223 -7.58 -13.73 33.71
CA ILE B 223 -8.10 -13.36 32.39
C ILE B 223 -7.16 -12.33 31.78
N PHE B 224 -6.18 -11.87 32.54
CA PHE B 224 -5.19 -10.96 32.01
C PHE B 224 -3.84 -11.65 31.77
N GLY B 225 -3.76 -12.93 32.15
CA GLY B 225 -2.52 -13.67 32.14
C GLY B 225 -1.96 -14.03 30.78
N ARG B 226 -0.66 -14.34 30.77
CA ARG B 226 0.00 -14.78 29.54
C ARG B 226 -0.76 -15.96 28.95
N ASN B 227 -0.99 -16.98 29.78
CA ASN B 227 -1.79 -18.13 29.36
C ASN B 227 -3.31 -17.83 29.33
N GLY B 228 -3.67 -16.55 29.30
CA GLY B 228 -5.06 -16.14 29.36
C GLY B 228 -5.59 -15.39 28.15
N PHE B 229 -6.08 -14.16 28.36
CA PHE B 229 -6.66 -13.37 27.28
C PHE B 229 -5.61 -12.84 26.33
N GLN B 230 -4.39 -12.66 26.84
CA GLN B 230 -3.28 -12.28 25.98
C GLN B 230 -3.16 -13.34 24.90
N ALA B 231 -3.40 -14.59 25.25
CA ALA B 231 -3.26 -15.70 24.31
C ALA B 231 -4.49 -15.91 23.43
N TYR B 232 -5.63 -15.34 23.80
CA TYR B 232 -6.83 -15.36 22.95
C TYR B 232 -6.68 -14.28 21.91
N LEU B 233 -6.46 -13.06 22.38
CA LEU B 233 -6.23 -11.92 21.50
C LEU B 233 -5.23 -12.27 20.39
N ARG B 234 -4.07 -12.79 20.79
CA ARG B 234 -3.04 -13.17 19.82
C ARG B 234 -3.66 -14.07 18.78
N GLU B 235 -4.18 -15.21 19.22
CA GLU B 235 -4.76 -16.20 18.32
C GLU B 235 -5.87 -15.60 17.45
N LYS B 236 -6.66 -14.70 18.03
CA LYS B 236 -7.72 -14.07 17.25
C LYS B 236 -7.11 -13.01 16.35
N TYR B 237 -5.79 -12.93 16.34
CA TYR B 237 -5.09 -11.89 15.58
C TYR B 237 -4.38 -12.44 14.35
N VAL B 238 -3.73 -13.60 14.50
CA VAL B 238 -2.98 -14.16 13.38
C VAL B 238 -3.80 -14.29 12.08
N PRO B 239 -4.84 -15.14 12.07
CA PRO B 239 -5.66 -15.30 10.86
C PRO B 239 -5.78 -13.98 10.11
N LEU B 240 -6.12 -12.93 10.83
CA LEU B 240 -6.31 -11.60 10.26
C LEU B 240 -5.05 -11.03 9.61
N ILE B 241 -3.92 -11.12 10.33
CA ILE B 241 -2.65 -10.69 9.76
C ILE B 241 -2.38 -11.48 8.48
N GLN B 242 -2.55 -12.80 8.57
CA GLN B 242 -2.40 -13.68 7.43
C GLN B 242 -3.16 -13.15 6.22
N LYS B 243 -4.46 -12.92 6.38
CA LYS B 243 -5.24 -12.33 5.30
C LYS B 243 -4.40 -11.31 4.54
N TYR B 244 -3.93 -10.30 5.25
CA TYR B 244 -3.19 -9.20 4.63
C TYR B 244 -1.81 -9.61 4.10
N LEU B 245 -1.12 -10.46 4.84
CA LEU B 245 0.14 -11.00 4.38
C LEU B 245 -0.03 -11.55 2.98
N ASN B 246 -0.86 -12.57 2.87
CA ASN B 246 -1.08 -13.21 1.59
C ASN B 246 -1.75 -12.31 0.59
N GLU B 247 -2.54 -11.36 1.11
CA GLU B 247 -3.26 -10.43 0.28
C GLU B 247 -2.24 -9.61 -0.50
N ALA B 248 -1.04 -9.46 0.06
CA ALA B 248 0.01 -8.69 -0.59
C ALA B 248 1.10 -9.58 -1.16
N PHE B 249 1.39 -10.68 -0.50
CA PHE B 249 2.50 -11.52 -0.94
C PHE B 249 2.24 -12.00 -2.36
N SER B 250 0.98 -12.34 -2.63
CA SER B 250 0.54 -12.72 -3.96
C SER B 250 0.92 -11.76 -5.09
N GLU B 251 0.89 -10.46 -4.83
CA GLU B 251 1.15 -9.47 -5.87
C GLU B 251 2.57 -9.54 -6.40
N PHE B 252 3.34 -10.51 -5.89
CA PHE B 252 4.74 -10.68 -6.27
C PHE B 252 4.90 -11.76 -7.34
N ASP B 253 3.82 -12.51 -7.53
CA ASP B 253 3.75 -13.63 -8.46
C ASP B 253 4.85 -14.65 -8.27
N LEU B 254 5.00 -15.08 -7.03
CA LEU B 254 5.96 -16.11 -6.73
C LEU B 254 5.26 -17.45 -6.76
N PRO B 255 6.02 -18.51 -7.04
CA PRO B 255 5.37 -19.80 -7.26
C PRO B 255 4.92 -20.47 -5.95
N TYR B 256 3.89 -19.94 -5.27
CA TYR B 256 3.53 -20.48 -3.95
C TYR B 256 2.02 -20.35 -3.66
N SER B 257 1.45 -21.44 -3.15
CA SER B 257 0.05 -21.50 -2.82
C SER B 257 -0.34 -20.28 -1.99
N PHE B 258 -0.27 -20.41 -0.68
CA PHE B 258 -0.44 -19.27 0.19
C PHE B 258 0.70 -19.26 1.22
N VAL B 259 0.67 -18.29 2.15
CA VAL B 259 1.61 -18.25 3.28
C VAL B 259 0.92 -18.38 4.63
N GLU B 260 1.23 -19.47 5.32
CA GLU B 260 0.69 -19.74 6.65
C GLU B 260 1.40 -18.83 7.60
N LEU B 261 0.62 -18.20 8.47
CA LEU B 261 1.17 -17.47 9.60
C LEU B 261 0.81 -18.24 10.87
N THR B 262 1.82 -18.65 11.64
CA THR B 262 1.59 -19.59 12.73
C THR B 262 1.12 -18.91 13.99
N LYS B 263 0.98 -19.70 15.05
CA LYS B 263 0.68 -19.21 16.39
C LYS B 263 1.73 -18.20 16.86
N ASP B 264 3.00 -18.57 16.71
CA ASP B 264 4.10 -17.80 17.27
C ASP B 264 4.82 -16.94 16.20
N PHE B 265 4.01 -16.38 15.28
CA PHE B 265 4.48 -15.62 14.12
C PHE B 265 5.65 -16.22 13.37
N GLU B 266 5.54 -17.49 13.01
CA GLU B 266 6.50 -18.11 12.09
C GLU B 266 5.95 -18.08 10.67
N VAL B 267 6.85 -17.97 9.72
CA VAL B 267 6.44 -17.91 8.35
C VAL B 267 6.64 -19.27 7.68
N ARG B 268 5.54 -19.82 7.15
CA ARG B 268 5.56 -21.09 6.43
C ARG B 268 5.04 -20.99 4.97
N VAL B 269 5.98 -21.16 4.04
CA VAL B 269 5.70 -20.97 2.63
C VAL B 269 5.26 -22.26 1.95
N HIS B 270 3.95 -22.36 1.71
CA HIS B 270 3.38 -23.53 1.07
C HIS B 270 3.73 -23.62 -0.44
N ALA B 271 4.70 -24.46 -0.77
CA ALA B 271 4.96 -24.82 -2.15
C ALA B 271 4.09 -26.05 -2.48
N PRO B 272 3.97 -26.38 -3.78
CA PRO B 272 3.18 -27.53 -4.22
C PRO B 272 3.48 -28.86 -3.48
N ASN B 273 4.74 -29.30 -3.37
CA ASN B 273 5.04 -30.45 -2.51
C ASN B 273 5.86 -30.14 -1.28
N GLY B 274 5.37 -29.30 -0.39
CA GLY B 274 6.12 -29.08 0.83
C GLY B 274 6.08 -27.67 1.35
N VAL B 275 6.60 -27.52 2.56
CA VAL B 275 6.59 -26.24 3.22
C VAL B 275 8.02 -25.78 3.40
N LEU B 276 8.24 -24.52 3.00
CA LEU B 276 9.55 -23.89 3.05
C LEU B 276 9.53 -22.81 4.12
N THR B 277 10.65 -22.70 4.82
CA THR B 277 10.78 -21.74 5.90
C THR B 277 11.68 -20.59 5.45
N ILE B 278 11.60 -19.44 6.11
CA ILE B 278 12.48 -18.30 5.77
C ILE B 278 13.95 -18.68 5.68
N ASP B 279 14.28 -19.92 6.03
CA ASP B 279 15.63 -20.42 5.83
C ASP B 279 15.84 -20.75 4.38
N ASN B 280 14.90 -21.48 3.79
CA ASN B 280 15.05 -21.98 2.43
C ASN B 280 14.84 -20.89 1.33
N LEU B 281 13.86 -20.00 1.55
CA LEU B 281 13.71 -18.82 0.72
C LEU B 281 15.04 -18.16 0.38
N SER B 282 15.04 -17.30 -0.61
CA SER B 282 16.26 -16.77 -1.16
C SER B 282 16.33 -15.32 -0.74
N GLY B 283 17.47 -14.68 -0.91
CA GLY B 283 17.56 -13.30 -0.52
C GLY B 283 16.31 -12.52 -0.89
N GLY B 284 16.10 -12.38 -2.21
CA GLY B 284 14.99 -11.64 -2.75
C GLY B 284 13.69 -12.14 -2.18
N GLU B 285 13.55 -13.45 -2.11
CA GLU B 285 12.30 -13.99 -1.61
C GLU B 285 12.01 -13.63 -0.16
N GLN B 286 13.05 -13.64 0.68
CA GLN B 286 12.93 -13.28 2.11
C GLN B 286 12.40 -11.87 2.26
N ILE B 287 13.12 -10.92 1.69
CA ILE B 287 12.70 -9.53 1.61
C ILE B 287 11.24 -9.32 1.17
N ALA B 288 10.74 -10.14 0.25
CA ALA B 288 9.36 -10.01 -0.11
C ALA B 288 8.45 -10.32 1.07
N VAL B 289 8.44 -11.56 1.57
CA VAL B 289 7.67 -11.95 2.77
C VAL B 289 7.85 -11.00 3.93
N ALA B 290 9.11 -10.64 4.19
CA ALA B 290 9.45 -9.60 5.15
C ALA B 290 8.57 -8.38 4.89
N LEU B 291 8.72 -7.77 3.72
CA LEU B 291 7.96 -6.56 3.43
C LEU B 291 6.46 -6.78 3.52
N SER B 292 6.02 -7.91 2.98
CA SER B 292 4.61 -8.21 2.98
C SER B 292 4.06 -8.33 4.40
N LEU B 293 4.88 -8.83 5.33
CA LEU B 293 4.41 -9.06 6.70
C LEU B 293 4.26 -7.76 7.49
N ARG B 294 5.27 -6.90 7.37
CA ARG B 294 5.29 -5.60 8.02
C ARG B 294 4.08 -4.78 7.60
N LEU B 295 3.93 -4.58 6.28
CA LEU B 295 2.73 -3.96 5.73
C LEU B 295 1.47 -4.69 6.17
N ALA B 296 1.56 -6.00 6.35
CA ALA B 296 0.42 -6.82 6.72
C ALA B 296 -0.14 -6.47 8.09
N ILE B 297 0.71 -6.52 9.12
CA ILE B 297 0.34 -6.12 10.46
C ILE B 297 -0.12 -4.66 10.52
N ALA B 298 0.44 -3.83 9.64
CA ALA B 298 0.01 -2.44 9.59
C ALA B 298 -1.48 -2.42 9.33
N ASN B 299 -1.89 -3.05 8.24
CA ASN B 299 -3.31 -3.14 7.92
C ASN B 299 -4.13 -3.75 9.08
N ALA B 300 -3.66 -4.86 9.63
CA ALA B 300 -4.40 -5.56 10.72
C ALA B 300 -4.85 -4.65 11.86
N LEU B 301 -3.97 -3.75 12.32
CA LEU B 301 -4.38 -2.73 13.27
C LEU B 301 -4.70 -1.41 12.56
N ILE B 302 -5.55 -1.49 11.54
CA ILE B 302 -5.87 -0.37 10.65
C ILE B 302 -6.26 0.93 11.35
N GLY B 303 -7.08 0.81 12.40
CA GLY B 303 -7.56 1.96 13.14
C GLY B 303 -7.41 1.75 14.63
N ASN B 304 -6.46 0.89 14.99
CA ASN B 304 -6.12 0.62 16.38
C ASN B 304 -4.94 1.50 16.76
N ARG B 305 -4.15 1.82 15.74
CA ARG B 305 -2.96 2.67 15.85
C ARG B 305 -2.44 2.94 14.44
N VAL B 306 -2.50 4.19 14.01
CA VAL B 306 -2.15 4.52 12.64
C VAL B 306 -0.96 5.46 12.58
N GLU B 307 0.25 4.90 12.42
CA GLU B 307 1.48 5.69 12.47
C GLU B 307 2.07 5.92 11.08
N CYS B 308 3.30 6.45 11.03
CA CYS B 308 4.06 6.55 9.77
C CYS B 308 5.14 5.46 9.75
N ILE B 309 5.84 5.32 8.63
CA ILE B 309 6.93 4.36 8.57
C ILE B 309 8.11 4.80 7.70
N ILE B 310 9.31 4.51 8.20
CA ILE B 310 10.54 4.75 7.46
C ILE B 310 11.16 3.42 7.10
N LEU B 311 11.35 3.19 5.81
CA LEU B 311 12.01 1.99 5.33
C LEU B 311 13.18 2.44 4.51
N ASP B 312 14.31 1.79 4.70
CA ASP B 312 15.55 2.19 4.07
C ASP B 312 15.96 1.07 3.14
N GLU B 313 15.86 1.34 1.84
CA GLU B 313 16.15 0.36 0.78
C GLU B 313 15.28 -0.88 0.93
N PRO B 314 13.97 -0.71 0.79
CA PRO B 314 13.10 -1.87 0.91
C PRO B 314 13.34 -2.83 -0.23
N THR B 315 13.89 -2.30 -1.30
CA THR B 315 14.10 -3.03 -2.53
C THR B 315 15.43 -3.66 -2.54
N VAL B 316 15.87 -4.20 -1.42
CA VAL B 316 17.21 -4.79 -1.40
C VAL B 316 17.14 -6.24 -1.81
N TYR B 317 18.03 -6.62 -2.73
CA TYR B 317 18.10 -7.97 -3.28
C TYR B 317 17.07 -8.20 -4.37
N LEU B 318 16.00 -7.41 -4.30
CA LEU B 318 14.86 -7.50 -5.19
C LEU B 318 15.27 -7.21 -6.62
N ASP B 319 14.79 -8.07 -7.53
CA ASP B 319 15.04 -7.94 -8.98
C ASP B 319 14.04 -6.99 -9.65
N GLU B 320 14.35 -6.73 -10.91
CA GLU B 320 13.65 -5.78 -11.76
C GLU B 320 12.14 -6.02 -11.76
N ASN B 321 11.72 -7.27 -11.82
CA ASN B 321 10.29 -7.55 -11.76
C ASN B 321 9.74 -7.18 -10.39
N ARG B 322 10.41 -7.70 -9.35
CA ARG B 322 9.89 -7.59 -8.00
C ARG B 322 9.84 -6.18 -7.46
N ARG B 323 10.85 -5.40 -7.78
CA ARG B 323 10.87 -4.01 -7.39
C ARG B 323 9.58 -3.32 -7.78
N ALA B 324 9.28 -3.35 -9.07
CA ALA B 324 8.06 -2.76 -9.57
C ALA B 324 6.79 -3.37 -9.00
N LYS B 325 6.76 -4.68 -8.77
CA LYS B 325 5.56 -5.25 -8.13
C LYS B 325 5.34 -4.54 -6.77
N LEU B 326 6.45 -4.37 -6.05
CA LEU B 326 6.45 -3.77 -4.72
C LEU B 326 6.08 -2.28 -4.76
N ALA B 327 6.59 -1.57 -5.75
CA ALA B 327 6.15 -0.21 -5.99
C ALA B 327 4.64 -0.24 -6.15
N GLU B 328 4.14 -1.19 -6.91
CA GLU B 328 2.70 -1.24 -7.07
C GLU B 328 1.99 -1.56 -5.76
N ILE B 329 2.63 -2.33 -4.89
CA ILE B 329 2.02 -2.64 -3.61
C ILE B 329 1.96 -1.40 -2.72
N PHE B 330 3.11 -0.75 -2.56
CA PHE B 330 3.21 0.45 -1.75
C PHE B 330 2.14 1.45 -2.15
N ARG B 331 2.10 1.81 -3.43
CA ARG B 331 1.07 2.72 -3.92
C ARG B 331 -0.30 2.33 -3.39
N LYS B 332 -0.62 1.05 -3.53
CA LYS B 332 -1.93 0.47 -3.19
C LYS B 332 -2.21 0.53 -1.69
N VAL B 333 -1.13 0.65 -0.91
CA VAL B 333 -1.18 0.61 0.55
C VAL B 333 -1.93 1.78 1.17
N LYS B 334 -2.81 1.50 2.13
CA LYS B 334 -3.64 2.56 2.68
C LYS B 334 -3.54 2.79 4.18
N SER B 335 -3.14 1.78 4.94
CA SER B 335 -3.22 1.90 6.39
C SER B 335 -2.05 2.66 7.02
N ILE B 336 -1.34 3.44 6.21
CA ILE B 336 -0.26 4.29 6.70
C ILE B 336 -0.23 5.58 5.89
N PRO B 337 -0.26 6.73 6.58
CA PRO B 337 -0.35 8.05 5.95
C PRO B 337 1.01 8.55 5.44
N GLN B 338 2.03 8.29 6.25
CA GLN B 338 3.38 8.65 5.86
C GLN B 338 4.27 7.43 5.77
N MET B 339 4.54 7.02 4.54
CA MET B 339 5.68 6.17 4.32
C MET B 339 6.70 6.95 3.49
N ILE B 340 7.81 7.25 4.14
CA ILE B 340 8.95 7.84 3.47
C ILE B 340 9.82 6.66 3.17
N ILE B 341 10.37 6.63 1.97
CA ILE B 341 11.10 5.47 1.54
C ILE B 341 12.40 5.97 0.98
N ILE B 342 13.47 5.20 1.15
CA ILE B 342 14.79 5.68 0.80
C ILE B 342 15.39 4.67 -0.11
N THR B 343 15.36 4.89 -1.41
CA THR B 343 16.08 3.99 -2.30
C THR B 343 16.92 4.82 -3.19
N HIS B 344 17.62 4.14 -4.08
CA HIS B 344 18.31 4.82 -5.15
C HIS B 344 17.69 4.28 -6.44
N HIS B 345 16.57 3.57 -6.29
CA HIS B 345 16.01 2.81 -7.42
C HIS B 345 14.94 3.54 -8.20
N ARG B 346 14.90 3.29 -9.52
CA ARG B 346 14.03 4.00 -10.48
C ARG B 346 12.55 3.88 -10.17
N GLU B 347 12.05 2.65 -10.26
CA GLU B 347 10.69 2.32 -9.87
C GLU B 347 10.11 3.28 -8.82
N LEU B 348 10.40 3.03 -7.54
CA LEU B 348 9.74 3.77 -6.47
C LEU B 348 9.66 5.28 -6.68
N GLU B 349 10.62 5.80 -7.44
CA GLU B 349 10.60 7.19 -7.87
C GLU B 349 9.29 7.54 -8.54
N ASP B 350 9.14 6.98 -9.76
CA ASP B 350 8.10 7.29 -10.76
C ASP B 350 6.67 7.02 -10.27
N VAL B 351 6.52 6.72 -8.97
CA VAL B 351 5.23 6.42 -8.34
C VAL B 351 5.05 7.28 -7.10
N ALA B 352 5.96 8.25 -6.94
CA ALA B 352 6.08 8.97 -5.68
C ALA B 352 5.33 10.32 -5.62
N ASP B 353 4.61 10.58 -4.52
CA ASP B 353 3.99 11.89 -4.28
C ASP B 353 5.08 12.95 -4.33
N VAL B 354 6.06 12.80 -3.43
CA VAL B 354 7.25 13.64 -3.30
C VAL B 354 8.45 12.90 -3.87
N ILE B 355 9.58 13.57 -4.00
CA ILE B 355 10.72 12.94 -4.67
C ILE B 355 11.98 13.74 -4.33
N ILE B 356 12.09 13.99 -3.01
CA ILE B 356 13.23 14.56 -2.25
C ILE B 356 14.61 14.10 -2.75
N ASN B 357 15.34 14.98 -3.40
CA ASN B 357 16.60 14.58 -4.05
C ASN B 357 17.84 14.97 -3.22
N VAL B 358 18.76 14.04 -3.02
CA VAL B 358 19.96 14.30 -2.22
C VAL B 358 21.19 14.24 -3.12
N LYS B 359 21.83 15.38 -3.32
CA LYS B 359 23.13 15.39 -3.99
C LYS B 359 24.20 15.68 -2.95
N LYS B 360 25.44 15.33 -3.26
CA LYS B 360 26.51 15.48 -2.31
C LYS B 360 27.60 16.22 -3.04
N ASP B 361 27.82 17.46 -2.65
CA ASP B 361 28.87 18.27 -3.23
C ASP B 361 30.10 18.10 -2.35
N GLY B 362 31.17 17.54 -2.92
CA GLY B 362 32.38 17.17 -2.18
C GLY B 362 32.28 17.03 -0.65
N ASN B 363 31.79 15.88 -0.20
CA ASN B 363 31.72 15.59 1.24
C ASN B 363 30.61 16.30 2.01
N VAL B 364 29.98 17.27 1.35
CA VAL B 364 28.86 18.02 1.92
C VAL B 364 27.58 17.79 1.14
N SER B 365 26.52 17.49 1.88
CA SER B 365 25.29 17.04 1.25
C SER B 365 24.22 18.13 1.24
N LYS B 366 23.43 18.16 0.16
CA LYS B 366 22.44 19.21 -0.10
C LYS B 366 21.05 18.66 -0.53
N VAL B 367 19.99 19.01 0.21
CA VAL B 367 18.64 18.52 -0.05
C VAL B 367 17.73 19.43 -0.90
N LYS B 368 17.35 19.00 -2.11
CA LYS B 368 16.54 19.85 -3.01
C LYS B 368 15.08 19.40 -3.24
N ILE B 369 14.25 19.41 -2.19
CA ILE B 369 12.85 18.92 -2.23
C ILE B 369 12.10 19.19 -3.55
N ASN B 370 11.37 18.20 -4.04
CA ASN B 370 10.72 18.25 -5.37
C ASN B 370 9.19 17.99 -5.36
N GLY B 371 8.73 17.11 -6.27
CA GLY B 371 7.32 16.75 -6.33
C GLY B 371 6.84 16.34 -7.71
C1 GOL C . 10.45 -7.20 -37.07
O1 GOL C . 10.16 -6.17 -38.01
C2 GOL C . 9.19 -7.40 -36.26
O2 GOL C . 8.36 -6.26 -36.43
C3 GOL C . 9.53 -7.67 -34.79
O3 GOL C . 10.07 -8.96 -34.61
C1 IPA D . 0.88 22.05 -16.77
C2 IPA D . 1.80 22.92 -17.63
C3 IPA D . 3.22 22.92 -17.05
O2 IPA D . 1.83 22.42 -18.96
S SO4 E . -1.38 -10.44 -13.61
O1 SO4 E . -2.46 -10.27 -12.65
O2 SO4 E . -0.89 -9.12 -14.00
O3 SO4 E . -0.27 -11.20 -13.03
O4 SO4 E . -1.89 -11.14 -14.78
C1 IPA F . -0.73 -9.70 -8.94
C2 IPA F . -1.47 -11.02 -8.70
C3 IPA F . -2.98 -10.85 -8.89
O2 IPA F . -0.98 -12.01 -9.59
PG AGS G . 24.03 4.73 0.56
S1G AGS G . 22.70 4.41 -1.08
O2G AGS G . 25.42 3.91 0.20
O3G AGS G . 23.50 4.21 1.81
PB AGS G . 23.49 7.27 1.84
O1B AGS G . 23.19 8.72 1.13
O2B AGS G . 22.24 6.74 2.35
O3B AGS G . 24.35 6.33 0.79
PA AGS G . 24.45 8.15 4.46
O1A AGS G . 22.96 8.71 4.88
O2A AGS G . 24.79 7.13 5.45
O3A AGS G . 24.63 7.40 3.02
O5' AGS G . 25.63 9.28 4.35
C5' AGS G . 26.78 8.66 3.91
C4' AGS G . 27.79 9.72 3.58
O4' AGS G . 27.88 10.65 4.67
C3' AGS G . 29.11 9.00 3.44
O3' AGS G . 29.76 9.45 2.27
C2' AGS G . 29.91 9.41 4.59
O2' AGS G . 31.17 9.70 4.07
C1' AGS G . 29.30 10.73 5.01
N9 AGS G . 29.47 10.70 6.45
C8 AGS G . 29.07 9.60 7.36
N7 AGS G . 29.45 9.99 8.71
C5 AGS G . 30.10 11.30 8.63
C6 AGS G . 30.71 12.18 9.69
N6 AGS G . 30.74 11.74 11.08
N1 AGS G . 31.30 13.43 9.30
C2 AGS G . 31.30 13.87 7.85
N3 AGS G . 30.71 13.00 6.81
C4 AGS G . 30.11 11.72 7.22
MG MG H . 21.62 4.53 2.99
C1 GOL I . 26.44 -5.88 3.98
O1 GOL I . 26.38 -4.62 4.63
C2 GOL I . 25.10 -6.62 4.08
O2 GOL I . 24.17 -5.95 4.94
C3 GOL I . 24.49 -6.92 2.70
O3 GOL I . 23.13 -7.21 2.91
C1 GOL J . 19.87 -3.18 -2.78
O1 GOL J . 21.24 -3.00 -3.11
C2 GOL J . 19.04 -2.27 -3.65
O2 GOL J . 19.88 -1.33 -4.29
C3 GOL J . 18.30 -3.14 -4.68
O3 GOL J . 19.09 -4.22 -5.10
C1 GOL K . 35.20 15.13 14.24
O1 GOL K . 36.46 14.49 14.28
C2 GOL K . 35.33 16.62 14.51
O2 GOL K . 36.40 17.19 13.77
C3 GOL K . 35.58 16.80 16.00
O3 GOL K . 34.72 15.95 16.74
C1 IPA L . 24.75 -1.42 7.79
C2 IPA L . 24.06 -0.77 6.59
C3 IPA L . 24.68 0.61 6.31
O2 IPA L . 24.04 -1.63 5.45
#